data_2CYC
#
_entry.id   2CYC
#
_cell.length_a   74.350
_cell.length_b   88.260
_cell.length_c   162.920
_cell.angle_alpha   90.00
_cell.angle_beta   90.00
_cell.angle_gamma   90.00
#
_symmetry.space_group_name_H-M   'P 21 21 21'
#
loop_
_entity.id
_entity.type
_entity.pdbx_description
1 polymer 'tyrosyl-tRNA synthetase'
2 non-polymer TYROSINE
3 water water
#
_entity_poly.entity_id   1
_entity_poly.type   'polypeptide(L)'
_entity_poly.pdbx_seq_one_letter_code
;MDIEERINLVLKKPTEEVLTVENLRHLFEIGAPLQHYIGFEISGYIHLGTGLMAGAKIADFQKAGIKTRVFLADWHSWIN
DKLGGDLEVIQEVALKYFKVGMEKSIEVMGGDPKKVEFVLASEILEKGDYWQTVIDISKNVTLSRVMRSITIMGRQMGEA
IDFAKLIYPMMQVADIFYQGVTIAHAGMDQRKAHVIAIEVAQKLRYHPIVHEGEKLKPVAVHHHLLLGLQEPPKWPIESE
EEFKEIKAQMKMSKSKPYSAVFIHDSPEEIRQKLRKAFCPAREVRYNPVLDWVEYIIFREEPTEFTVHRPAKFGGDVTYT
TFEELKRDFAEGKLHPLDLKNAVAEYLINLLEPIRRYFEKHPEPLELMRSVKITR
;
_entity_poly.pdbx_strand_id   A,B
#
# COMPACT_ATOMS: atom_id res chain seq x y z
N MET A 1 -23.61 -3.27 34.34
CA MET A 1 -25.00 -3.76 34.11
C MET A 1 -24.97 -5.20 33.64
N ASP A 2 -26.10 -5.89 33.75
CA ASP A 2 -26.20 -7.28 33.34
C ASP A 2 -25.72 -7.48 31.89
N ILE A 3 -24.95 -8.53 31.65
CA ILE A 3 -24.44 -8.80 30.32
C ILE A 3 -25.54 -8.91 29.26
N GLU A 4 -26.72 -9.37 29.68
CA GLU A 4 -27.85 -9.50 28.75
C GLU A 4 -28.32 -8.13 28.24
N GLU A 5 -28.36 -7.17 29.16
CA GLU A 5 -28.75 -5.82 28.81
C GLU A 5 -27.67 -5.15 27.96
N ARG A 6 -26.41 -5.48 28.21
CA ARG A 6 -25.30 -4.90 27.42
C ARG A 6 -25.37 -5.42 25.98
N ILE A 7 -25.59 -6.72 25.84
CA ILE A 7 -25.70 -7.34 24.53
C ILE A 7 -26.86 -6.73 23.76
N ASN A 8 -28.01 -6.57 24.43
CA ASN A 8 -29.18 -6.00 23.77
C ASN A 8 -28.95 -4.57 23.29
N LEU A 9 -28.18 -3.80 24.04
CA LEU A 9 -27.89 -2.42 23.64
C LEU A 9 -27.09 -2.45 22.32
N VAL A 10 -26.17 -3.40 22.19
CA VAL A 10 -25.38 -3.50 20.98
C VAL A 10 -26.26 -3.99 19.82
N LEU A 11 -27.14 -4.94 20.14
CA LEU A 11 -28.04 -5.55 19.17
C LEU A 11 -29.23 -4.73 18.72
N LYS A 12 -29.71 -3.81 19.53
CA LYS A 12 -30.90 -3.04 19.15
C LYS A 12 -30.77 -2.22 17.87
N LYS A 13 -31.88 -2.10 17.15
CA LYS A 13 -31.91 -1.35 15.90
C LYS A 13 -31.36 0.03 16.15
N PRO A 14 -30.76 0.65 15.13
CA PRO A 14 -30.58 0.16 13.76
C PRO A 14 -29.54 -0.94 13.48
N THR A 15 -29.04 -1.61 14.50
CA THR A 15 -28.08 -2.68 14.24
C THR A 15 -28.74 -3.68 13.29
N GLU A 16 -28.00 -4.13 12.28
CA GLU A 16 -28.54 -5.09 11.34
C GLU A 16 -27.77 -6.41 11.41
N GLU A 17 -26.49 -6.32 11.76
CA GLU A 17 -25.67 -7.51 11.83
C GLU A 17 -24.55 -7.36 12.86
N VAL A 18 -24.25 -8.45 13.55
CA VAL A 18 -23.16 -8.46 14.51
C VAL A 18 -22.33 -9.71 14.25
N LEU A 19 -21.03 -9.52 14.01
CA LEU A 19 -20.12 -10.64 13.80
C LEU A 19 -19.12 -10.64 14.96
N THR A 20 -19.36 -11.43 16.02
CA THR A 20 -20.53 -12.30 16.16
C THR A 20 -21.04 -12.08 17.59
N VAL A 21 -22.28 -12.47 17.84
CA VAL A 21 -22.85 -12.30 19.18
C VAL A 21 -22.05 -13.12 20.20
N GLU A 22 -21.61 -14.31 19.78
CA GLU A 22 -20.82 -15.15 20.66
C GLU A 22 -19.51 -14.49 21.06
N ASN A 23 -18.82 -13.87 20.10
CA ASN A 23 -17.54 -13.23 20.43
C ASN A 23 -17.78 -11.98 21.29
N LEU A 24 -18.89 -11.29 21.02
CA LEU A 24 -19.25 -10.09 21.78
C LEU A 24 -19.44 -10.46 23.24
N ARG A 25 -20.21 -11.52 23.48
CA ARG A 25 -20.48 -11.99 24.83
C ARG A 25 -19.16 -12.39 25.49
N HIS A 26 -18.32 -13.07 24.73
CA HIS A 26 -17.02 -13.48 25.21
C HIS A 26 -16.24 -12.24 25.69
N LEU A 27 -16.20 -11.21 24.85
CA LEU A 27 -15.49 -9.99 25.22
C LEU A 27 -16.04 -9.37 26.51
N PHE A 28 -17.37 -9.35 26.64
CA PHE A 28 -17.98 -8.80 27.85
C PHE A 28 -17.57 -9.63 29.07
N GLU A 29 -17.69 -10.94 28.95
CA GLU A 29 -17.36 -11.85 30.05
C GLU A 29 -15.92 -11.84 30.52
N ILE A 30 -14.96 -11.79 29.60
CA ILE A 30 -13.56 -11.80 29.99
C ILE A 30 -13.04 -10.41 30.39
N GLY A 31 -13.91 -9.41 30.28
CA GLY A 31 -13.52 -8.07 30.64
C GLY A 31 -12.50 -7.46 29.68
N ALA A 32 -12.57 -7.84 28.41
CA ALA A 32 -11.64 -7.30 27.44
C ALA A 32 -11.90 -5.81 27.24
N PRO A 33 -10.90 -5.05 26.78
CA PRO A 33 -11.11 -3.62 26.57
C PRO A 33 -12.21 -3.41 25.55
N LEU A 34 -13.02 -2.38 25.74
CA LEU A 34 -14.13 -2.09 24.83
C LEU A 34 -13.91 -0.74 24.16
N GLN A 35 -13.23 -0.76 23.03
CA GLN A 35 -12.96 0.45 22.29
C GLN A 35 -13.69 0.38 20.97
N HIS A 36 -14.61 1.32 20.78
CA HIS A 36 -15.37 1.38 19.55
C HIS A 36 -14.80 2.47 18.67
N TYR A 37 -15.26 2.47 17.43
CA TYR A 37 -14.94 3.47 16.45
C TYR A 37 -15.82 3.25 15.24
N ILE A 38 -16.00 4.32 14.48
CA ILE A 38 -16.71 4.28 13.22
C ILE A 38 -16.07 5.40 12.43
N GLY A 39 -15.57 5.06 11.24
CA GLY A 39 -14.90 6.04 10.41
C GLY A 39 -15.81 6.60 9.33
N PHE A 40 -15.53 7.82 8.91
CA PHE A 40 -16.33 8.46 7.88
C PHE A 40 -15.44 9.18 6.91
N GLU A 41 -15.80 9.10 5.64
CA GLU A 41 -15.07 9.85 4.64
C GLU A 41 -15.61 11.28 4.83
N ILE A 42 -14.83 12.26 4.38
CA ILE A 42 -15.23 13.66 4.49
C ILE A 42 -15.50 14.14 3.05
N SER A 43 -16.76 14.42 2.73
CA SER A 43 -17.07 14.84 1.36
C SER A 43 -18.46 15.37 1.08
N GLY A 44 -19.13 15.95 2.08
CA GLY A 44 -20.45 16.47 1.84
C GLY A 44 -21.27 16.65 3.10
N TYR A 45 -22.52 17.07 2.93
CA TYR A 45 -23.42 17.29 4.05
C TYR A 45 -23.79 15.96 4.69
N ILE A 46 -24.00 15.99 6.00
CA ILE A 46 -24.35 14.79 6.74
C ILE A 46 -25.83 14.47 6.58
N HIS A 47 -26.15 13.39 5.87
CA HIS A 47 -27.56 13.01 5.69
C HIS A 47 -27.98 12.18 6.90
N LEU A 48 -29.28 11.91 7.05
CA LEU A 48 -29.78 11.19 8.22
C LEU A 48 -29.18 9.82 8.50
N GLY A 49 -28.84 9.09 7.45
CA GLY A 49 -28.24 7.78 7.65
C GLY A 49 -26.92 7.90 8.38
N THR A 50 -26.09 8.84 7.94
CA THR A 50 -24.79 9.06 8.55
C THR A 50 -24.87 9.57 9.99
N GLY A 51 -25.64 10.63 10.20
CA GLY A 51 -25.76 11.18 11.53
C GLY A 51 -26.63 10.41 12.50
N LEU A 52 -27.89 10.19 12.13
CA LEU A 52 -28.85 9.51 13.01
C LEU A 52 -28.59 8.04 13.32
N MET A 53 -28.32 7.23 12.30
CA MET A 53 -28.08 5.83 12.55
C MET A 53 -26.77 5.60 13.31
N ALA A 54 -25.71 6.26 12.89
CA ALA A 54 -24.43 6.13 13.61
C ALA A 54 -24.59 6.72 15.01
N GLY A 55 -25.27 7.86 15.08
CA GLY A 55 -25.49 8.52 16.36
C GLY A 55 -26.27 7.65 17.32
N ALA A 56 -27.31 7.00 16.81
CA ALA A 56 -28.11 6.11 17.65
C ALA A 56 -27.24 4.98 18.22
N LYS A 57 -26.41 4.35 17.39
CA LYS A 57 -25.57 3.27 17.90
C LYS A 57 -24.52 3.78 18.89
N ILE A 58 -23.93 4.93 18.60
CA ILE A 58 -22.94 5.49 19.50
C ILE A 58 -23.60 5.67 20.87
N ALA A 59 -24.83 6.16 20.88
CA ALA A 59 -25.57 6.35 22.13
C ALA A 59 -25.76 5.02 22.83
N ASP A 60 -26.16 4.00 22.08
CA ASP A 60 -26.37 2.67 22.65
C ASP A 60 -25.08 2.12 23.24
N PHE A 61 -23.98 2.25 22.49
CA PHE A 61 -22.71 1.74 22.94
C PHE A 61 -22.25 2.38 24.25
N GLN A 62 -22.40 3.70 24.36
CA GLN A 62 -22.00 4.41 25.57
C GLN A 62 -22.75 3.80 26.76
N LYS A 63 -24.05 3.59 26.61
CA LYS A 63 -24.85 3.03 27.72
C LYS A 63 -24.43 1.64 28.12
N ALA A 64 -23.80 0.91 27.19
CA ALA A 64 -23.35 -0.43 27.47
C ALA A 64 -21.96 -0.39 28.10
N GLY A 65 -21.41 0.80 28.26
CA GLY A 65 -20.07 0.91 28.85
C GLY A 65 -18.96 0.70 27.85
N ILE A 66 -19.19 1.09 26.59
CA ILE A 66 -18.20 0.98 25.53
C ILE A 66 -17.65 2.38 25.23
N LYS A 67 -16.33 2.50 25.12
CA LYS A 67 -15.71 3.81 24.81
C LYS A 67 -15.87 4.06 23.31
N THR A 68 -16.59 5.11 22.97
CA THR A 68 -16.90 5.44 21.59
C THR A 68 -15.99 6.48 20.93
N ARG A 69 -15.78 6.31 19.63
CA ARG A 69 -14.92 7.23 18.87
C ARG A 69 -15.37 7.43 17.44
N VAL A 70 -15.31 8.68 16.98
CA VAL A 70 -15.64 9.03 15.60
C VAL A 70 -14.28 9.27 14.94
N PHE A 71 -14.02 8.54 13.86
CA PHE A 71 -12.78 8.58 13.10
C PHE A 71 -13.02 9.34 11.79
N LEU A 72 -12.35 10.50 11.64
CA LEU A 72 -12.48 11.34 10.46
C LEU A 72 -11.38 10.90 9.48
N ALA A 73 -11.79 10.13 8.48
CA ALA A 73 -10.85 9.55 7.50
C ALA A 73 -10.36 10.51 6.43
N ASP A 74 -9.47 11.43 6.80
CA ASP A 74 -8.97 12.42 5.85
C ASP A 74 -8.14 11.90 4.68
N TRP A 75 -7.03 11.20 4.94
CA TRP A 75 -6.21 10.68 3.84
C TRP A 75 -7.05 9.73 2.99
N HIS A 76 -7.94 8.97 3.64
CA HIS A 76 -8.80 8.04 2.92
C HIS A 76 -9.65 8.79 1.90
N SER A 77 -10.22 9.91 2.34
CA SER A 77 -11.07 10.73 1.48
C SER A 77 -10.25 11.36 0.35
N TRP A 78 -9.00 11.70 0.68
CA TRP A 78 -8.08 12.28 -0.30
C TRP A 78 -7.83 11.22 -1.39
N ILE A 79 -7.56 9.99 -0.94
CA ILE A 79 -7.32 8.87 -1.83
C ILE A 79 -8.54 8.61 -2.70
N ASN A 80 -9.71 8.71 -2.08
CA ASN A 80 -10.96 8.46 -2.79
C ASN A 80 -11.49 9.66 -3.57
N ASP A 81 -10.62 10.64 -3.80
CA ASP A 81 -10.95 11.85 -4.57
C ASP A 81 -12.13 12.70 -4.07
N LYS A 82 -12.30 12.81 -2.75
CA LYS A 82 -13.40 13.62 -2.25
C LYS A 82 -12.99 15.07 -2.20
N LEU A 83 -13.97 15.96 -2.30
CA LEU A 83 -13.69 17.38 -2.26
C LEU A 83 -12.54 17.68 -3.20
N GLY A 84 -12.65 17.18 -4.44
CA GLY A 84 -11.63 17.41 -5.44
C GLY A 84 -10.24 16.96 -5.06
N GLY A 85 -10.14 16.01 -4.13
CA GLY A 85 -8.85 15.49 -3.71
C GLY A 85 -7.96 16.50 -3.03
N ASP A 86 -8.54 17.56 -2.47
CA ASP A 86 -7.74 18.58 -1.78
C ASP A 86 -7.69 18.23 -0.30
N LEU A 87 -6.66 17.50 0.10
CA LEU A 87 -6.50 17.07 1.49
C LEU A 87 -6.68 18.22 2.48
N GLU A 88 -6.15 19.40 2.13
CA GLU A 88 -6.25 20.58 2.99
C GLU A 88 -7.72 20.93 3.26
N VAL A 89 -8.52 20.97 2.20
CA VAL A 89 -9.93 21.29 2.33
C VAL A 89 -10.65 20.18 3.09
N ILE A 90 -10.26 18.94 2.81
CA ILE A 90 -10.86 17.79 3.48
C ILE A 90 -10.66 17.94 5.00
N GLN A 91 -9.44 18.30 5.39
CA GLN A 91 -9.13 18.47 6.80
C GLN A 91 -9.86 19.63 7.48
N GLU A 92 -10.04 20.73 6.75
CA GLU A 92 -10.74 21.87 7.32
C GLU A 92 -12.22 21.51 7.51
N VAL A 93 -12.79 20.85 6.51
CA VAL A 93 -14.18 20.43 6.54
C VAL A 93 -14.41 19.43 7.68
N ALA A 94 -13.50 18.47 7.81
CA ALA A 94 -13.62 17.45 8.85
C ALA A 94 -13.70 18.09 10.24
N LEU A 95 -12.79 19.01 10.53
CA LEU A 95 -12.73 19.68 11.81
C LEU A 95 -13.73 20.81 12.03
N LYS A 96 -14.07 21.55 10.97
CA LYS A 96 -14.98 22.66 11.15
C LYS A 96 -16.45 22.39 10.90
N TYR A 97 -16.75 21.35 10.15
CA TYR A 97 -18.14 21.02 9.86
C TYR A 97 -18.56 19.63 10.31
N PHE A 98 -17.88 18.62 9.79
CA PHE A 98 -18.25 17.24 10.08
C PHE A 98 -18.24 16.86 11.55
N LYS A 99 -17.16 17.21 12.25
CA LYS A 99 -17.04 16.92 13.66
C LYS A 99 -18.25 17.42 14.44
N VAL A 100 -18.55 18.71 14.31
CA VAL A 100 -19.67 19.29 15.04
C VAL A 100 -21.03 18.77 14.55
N GLY A 101 -21.12 18.46 13.25
CA GLY A 101 -22.36 17.92 12.73
C GLY A 101 -22.65 16.58 13.39
N MET A 102 -21.61 15.77 13.58
CA MET A 102 -21.75 14.46 14.22
C MET A 102 -22.06 14.61 15.70
N GLU A 103 -21.39 15.56 16.35
CA GLU A 103 -21.63 15.80 17.78
C GLU A 103 -23.11 16.08 18.01
N LYS A 104 -23.70 16.93 17.18
CA LYS A 104 -25.11 17.26 17.34
C LYS A 104 -26.03 16.10 16.96
N SER A 105 -25.60 15.26 16.01
CA SER A 105 -26.41 14.12 15.63
C SER A 105 -26.45 13.12 16.77
N ILE A 106 -25.28 12.89 17.38
CA ILE A 106 -25.17 11.96 18.50
C ILE A 106 -26.07 12.47 19.64
N GLU A 107 -26.05 13.78 19.84
CA GLU A 107 -26.83 14.39 20.89
C GLU A 107 -28.35 14.21 20.70
N VAL A 108 -28.88 14.47 19.51
CA VAL A 108 -30.33 14.30 19.33
C VAL A 108 -30.74 12.83 19.41
N MET A 109 -29.81 11.91 19.18
CA MET A 109 -30.14 10.49 19.26
C MET A 109 -29.94 10.00 20.69
N GLY A 110 -29.74 10.94 21.62
CA GLY A 110 -29.58 10.57 23.01
C GLY A 110 -28.21 10.21 23.53
N GLY A 111 -27.18 10.42 22.73
CA GLY A 111 -25.84 10.11 23.19
C GLY A 111 -25.21 11.35 23.79
N ASP A 112 -24.07 11.19 24.44
CA ASP A 112 -23.35 12.30 25.05
C ASP A 112 -22.10 12.56 24.22
N PRO A 113 -22.13 13.59 23.38
CA PRO A 113 -21.03 13.98 22.48
C PRO A 113 -19.72 14.24 23.23
N LYS A 114 -19.83 14.77 24.44
CA LYS A 114 -18.66 15.09 25.25
C LYS A 114 -17.88 13.85 25.65
N LYS A 115 -18.52 12.70 25.57
CA LYS A 115 -17.83 11.47 25.94
C LYS A 115 -17.44 10.66 24.72
N VAL A 116 -17.51 11.29 23.56
CA VAL A 116 -17.13 10.63 22.31
C VAL A 116 -15.76 11.15 21.89
N GLU A 117 -14.83 10.24 21.60
CA GLU A 117 -13.50 10.63 21.14
C GLU A 117 -13.60 10.98 19.66
N PHE A 118 -12.91 12.04 19.25
CA PHE A 118 -12.87 12.44 17.86
C PHE A 118 -11.41 12.41 17.42
N VAL A 119 -11.12 11.60 16.41
CA VAL A 119 -9.75 11.42 15.91
C VAL A 119 -9.64 11.69 14.41
N LEU A 120 -8.74 12.60 14.04
CA LEU A 120 -8.49 12.89 12.63
C LEU A 120 -7.55 11.76 12.21
N ALA A 121 -7.90 11.01 11.17
CA ALA A 121 -7.06 9.88 10.73
C ALA A 121 -5.56 10.19 10.65
N SER A 122 -5.22 11.33 10.08
CA SER A 122 -3.81 11.68 9.94
C SER A 122 -3.04 11.65 11.27
N GLU A 123 -3.76 11.74 12.40
CA GLU A 123 -3.11 11.67 13.70
C GLU A 123 -2.37 10.34 13.82
N ILE A 124 -2.94 9.27 13.26
CA ILE A 124 -2.26 7.99 13.32
C ILE A 124 -1.52 7.67 12.01
N LEU A 125 -2.03 8.15 10.88
CA LEU A 125 -1.38 7.87 9.60
C LEU A 125 0.01 8.51 9.48
N GLU A 126 0.24 9.56 10.26
CA GLU A 126 1.54 10.24 10.27
C GLU A 126 2.56 9.45 11.07
N LYS A 127 2.20 8.23 11.45
CA LYS A 127 3.13 7.39 12.21
C LYS A 127 3.56 6.17 11.39
N GLY A 128 4.87 6.02 11.22
CA GLY A 128 5.39 4.90 10.46
C GLY A 128 5.06 3.52 11.01
N ASP A 129 4.90 3.39 12.32
CA ASP A 129 4.59 2.08 12.91
C ASP A 129 3.16 1.67 12.55
N TYR A 130 2.34 2.65 12.18
CA TYR A 130 0.99 2.38 11.74
C TYR A 130 1.12 1.69 10.38
N TRP A 131 1.97 2.26 9.53
CA TRP A 131 2.18 1.69 8.19
C TRP A 131 2.86 0.33 8.20
N GLN A 132 3.63 0.07 9.25
CA GLN A 132 4.27 -1.22 9.34
C GLN A 132 3.15 -2.25 9.51
N THR A 133 2.09 -1.84 10.20
CA THR A 133 0.95 -2.71 10.42
C THR A 133 0.10 -2.80 9.14
N VAL A 134 0.09 -1.75 8.33
CA VAL A 134 -0.63 -1.83 7.06
C VAL A 134 0.05 -2.95 6.26
N ILE A 135 1.38 -2.97 6.29
CA ILE A 135 2.16 -3.99 5.59
C ILE A 135 1.90 -5.38 6.17
N ASP A 136 1.96 -5.48 7.50
CA ASP A 136 1.75 -6.74 8.20
C ASP A 136 0.42 -7.37 7.79
N ILE A 137 -0.63 -6.55 7.77
CA ILE A 137 -1.94 -7.00 7.38
C ILE A 137 -1.93 -7.40 5.90
N SER A 138 -1.33 -6.55 5.06
CA SER A 138 -1.28 -6.80 3.62
C SER A 138 -0.60 -8.11 3.25
N LYS A 139 0.25 -8.61 4.14
CA LYS A 139 0.94 -9.88 3.91
C LYS A 139 -0.04 -11.04 4.06
N ASN A 140 -1.17 -10.81 4.74
CA ASN A 140 -2.15 -11.86 4.97
C ASN A 140 -3.42 -11.75 4.15
N VAL A 141 -3.39 -10.89 3.13
CA VAL A 141 -4.54 -10.67 2.28
C VAL A 141 -4.09 -10.68 0.82
N THR A 142 -4.82 -11.38 -0.03
CA THR A 142 -4.45 -11.44 -1.44
C THR A 142 -4.91 -10.21 -2.18
N LEU A 143 -4.23 -9.93 -3.29
CA LEU A 143 -4.58 -8.80 -4.14
C LEU A 143 -6.03 -8.95 -4.57
N SER A 144 -6.39 -10.16 -5.00
CA SER A 144 -7.75 -10.44 -5.45
C SER A 144 -8.77 -10.10 -4.37
N ARG A 145 -8.43 -10.42 -3.13
CA ARG A 145 -9.32 -10.14 -2.01
C ARG A 145 -9.47 -8.62 -1.84
N VAL A 146 -8.37 -7.88 -1.91
CA VAL A 146 -8.44 -6.44 -1.78
C VAL A 146 -9.28 -5.86 -2.90
N MET A 147 -9.06 -6.36 -4.12
CA MET A 147 -9.81 -5.88 -5.28
C MET A 147 -11.31 -6.03 -5.04
N ARG A 148 -11.69 -7.13 -4.41
CA ARG A 148 -13.10 -7.41 -4.12
C ARG A 148 -13.67 -6.54 -3.01
N SER A 149 -12.81 -5.94 -2.20
CA SER A 149 -13.27 -5.13 -1.08
C SER A 149 -13.38 -3.64 -1.41
N ILE A 150 -13.10 -3.33 -2.67
CA ILE A 150 -13.11 -1.96 -3.19
C ILE A 150 -14.49 -1.28 -3.08
N THR A 151 -15.55 -2.08 -2.99
CA THR A 151 -16.90 -1.54 -2.89
C THR A 151 -17.13 -0.76 -1.60
N ILE A 152 -16.32 -0.99 -0.56
CA ILE A 152 -16.52 -0.27 0.69
C ILE A 152 -16.30 1.24 0.49
N MET A 153 -15.64 1.63 -0.59
CA MET A 153 -15.43 3.05 -0.83
C MET A 153 -16.33 3.56 -1.93
N GLY A 154 -17.39 2.79 -2.20
CA GLY A 154 -18.37 3.16 -3.20
C GLY A 154 -17.90 3.03 -4.64
N ARG A 155 -16.93 2.17 -4.87
CA ARG A 155 -16.40 1.95 -6.22
C ARG A 155 -16.43 0.50 -6.65
N GLN A 156 -16.24 0.30 -7.95
CA GLN A 156 -16.19 -1.01 -8.54
C GLN A 156 -14.81 -1.06 -9.21
N MET A 157 -14.26 -2.25 -9.35
CA MET A 157 -12.95 -2.40 -9.98
C MET A 157 -12.95 -1.87 -11.40
N GLY A 158 -12.21 -0.79 -11.63
CA GLY A 158 -12.11 -0.20 -12.95
C GLY A 158 -10.82 -0.59 -13.64
N GLU A 159 -10.84 -0.59 -14.96
CA GLU A 159 -9.65 -0.97 -15.74
C GLU A 159 -8.42 -0.13 -15.39
N ALA A 160 -8.59 1.18 -15.28
CA ALA A 160 -7.46 2.05 -14.99
C ALA A 160 -7.51 2.67 -13.60
N ILE A 161 -7.96 1.93 -12.62
CA ILE A 161 -8.02 2.46 -11.26
C ILE A 161 -6.60 2.69 -10.74
N ASP A 162 -6.40 3.81 -10.02
CA ASP A 162 -5.07 4.11 -9.48
C ASP A 162 -4.76 3.19 -8.31
N PHE A 163 -3.47 2.94 -8.08
CA PHE A 163 -3.09 2.03 -7.02
C PHE A 163 -3.44 2.45 -5.61
N ALA A 164 -3.44 3.75 -5.33
CA ALA A 164 -3.74 4.25 -3.99
C ALA A 164 -5.09 3.77 -3.49
N LYS A 165 -6.06 3.63 -4.38
CA LYS A 165 -7.39 3.19 -3.99
C LYS A 165 -7.42 1.76 -3.47
N LEU A 166 -6.46 0.95 -3.93
CA LEU A 166 -6.35 -0.44 -3.47
C LEU A 166 -5.71 -0.45 -2.08
N ILE A 167 -4.94 0.59 -1.75
CA ILE A 167 -4.32 0.65 -0.43
C ILE A 167 -5.39 0.97 0.63
N TYR A 168 -6.34 1.82 0.25
CA TYR A 168 -7.44 2.25 1.13
C TYR A 168 -8.06 1.14 2.01
N PRO A 169 -8.46 0.01 1.43
CA PRO A 169 -9.05 -1.02 2.29
C PRO A 169 -8.09 -1.58 3.35
N MET A 170 -6.81 -1.66 3.02
CA MET A 170 -5.85 -2.17 3.98
C MET A 170 -5.64 -1.14 5.09
N MET A 171 -5.83 0.13 4.75
CA MET A 171 -5.69 1.19 5.75
C MET A 171 -6.90 1.11 6.71
N GLN A 172 -8.07 0.79 6.18
CA GLN A 172 -9.27 0.69 7.01
C GLN A 172 -9.11 -0.43 8.02
N VAL A 173 -8.55 -1.56 7.58
CA VAL A 173 -8.35 -2.67 8.50
C VAL A 173 -7.29 -2.29 9.55
N ALA A 174 -6.21 -1.66 9.11
CA ALA A 174 -5.13 -1.22 10.00
C ALA A 174 -5.64 -0.21 11.04
N ASP A 175 -6.55 0.65 10.61
CA ASP A 175 -7.12 1.65 11.51
C ASP A 175 -7.74 0.96 12.72
N ILE A 176 -8.30 -0.22 12.48
CA ILE A 176 -8.93 -0.96 13.57
C ILE A 176 -7.91 -1.46 14.57
N PHE A 177 -6.90 -2.17 14.10
CA PHE A 177 -5.91 -2.73 15.00
C PHE A 177 -4.99 -1.71 15.64
N TYR A 178 -4.64 -0.66 14.91
CA TYR A 178 -3.76 0.36 15.46
C TYR A 178 -4.39 1.09 16.64
N GLN A 179 -5.69 1.31 16.60
CA GLN A 179 -6.39 2.00 17.69
C GLN A 179 -6.92 1.03 18.75
N GLY A 180 -6.61 -0.26 18.59
CA GLY A 180 -7.07 -1.27 19.54
C GLY A 180 -8.58 -1.43 19.56
N VAL A 181 -9.22 -1.25 18.40
CA VAL A 181 -10.67 -1.35 18.31
C VAL A 181 -11.23 -2.77 18.47
N THR A 182 -12.11 -2.97 19.46
CA THR A 182 -12.72 -4.28 19.70
C THR A 182 -14.19 -4.25 19.26
N ILE A 183 -14.74 -3.05 19.08
CA ILE A 183 -16.11 -2.89 18.61
C ILE A 183 -16.01 -2.07 17.31
N ALA A 184 -15.89 -2.78 16.19
CA ALA A 184 -15.77 -2.12 14.89
C ALA A 184 -17.16 -1.85 14.34
N HIS A 185 -17.54 -0.57 14.37
CA HIS A 185 -18.87 -0.12 13.96
C HIS A 185 -18.89 0.58 12.59
N ALA A 186 -19.86 0.20 11.77
CA ALA A 186 -20.02 0.79 10.43
C ALA A 186 -21.40 0.45 9.87
N GLY A 187 -21.70 1.05 8.72
CA GLY A 187 -22.94 0.73 8.03
C GLY A 187 -22.64 -0.58 7.33
N MET A 188 -23.69 -1.32 6.99
CA MET A 188 -23.58 -2.63 6.32
C MET A 188 -22.68 -2.70 5.09
N ASP A 189 -22.53 -1.61 4.35
CA ASP A 189 -21.70 -1.63 3.15
C ASP A 189 -20.19 -1.67 3.42
N GLN A 190 -19.81 -1.60 4.68
CA GLN A 190 -18.40 -1.66 5.04
C GLN A 190 -18.03 -3.04 5.58
N ARG A 191 -19.00 -3.95 5.66
CA ARG A 191 -18.75 -5.27 6.25
C ARG A 191 -17.58 -6.07 5.70
N LYS A 192 -17.27 -5.91 4.41
CA LYS A 192 -16.15 -6.65 3.84
C LYS A 192 -14.85 -6.37 4.56
N ALA A 193 -14.62 -5.11 4.92
CA ALA A 193 -13.39 -4.74 5.62
C ALA A 193 -13.32 -5.39 6.98
N HIS A 194 -14.47 -5.53 7.62
CA HIS A 194 -14.54 -6.12 8.95
C HIS A 194 -14.37 -7.64 8.87
N VAL A 195 -14.84 -8.27 7.80
CA VAL A 195 -14.69 -9.72 7.65
C VAL A 195 -13.17 -10.01 7.51
N ILE A 196 -12.46 -9.14 6.80
CA ILE A 196 -11.02 -9.33 6.62
C ILE A 196 -10.32 -9.10 7.98
N ALA A 197 -10.73 -8.04 8.67
CA ALA A 197 -10.17 -7.73 9.97
C ALA A 197 -10.27 -8.94 10.91
N ILE A 198 -11.44 -9.58 10.92
CA ILE A 198 -11.65 -10.73 11.78
C ILE A 198 -10.76 -11.90 11.34
N GLU A 199 -10.62 -12.10 10.04
CA GLU A 199 -9.76 -13.17 9.50
C GLU A 199 -8.27 -13.02 9.85
N VAL A 200 -7.74 -11.80 9.80
CA VAL A 200 -6.31 -11.60 10.08
C VAL A 200 -5.97 -11.24 11.52
N ALA A 201 -6.98 -10.98 12.35
CA ALA A 201 -6.73 -10.56 13.73
C ALA A 201 -5.66 -11.31 14.52
N GLN A 202 -5.75 -12.63 14.53
CA GLN A 202 -4.82 -13.43 15.28
C GLN A 202 -3.49 -13.71 14.60
N LYS A 203 -3.33 -13.21 13.37
CA LYS A 203 -2.09 -13.40 12.64
C LYS A 203 -1.19 -12.16 12.72
N LEU A 204 -1.73 -11.06 13.24
CA LEU A 204 -0.99 -9.80 13.34
C LEU A 204 0.17 -9.83 14.33
N ARG A 205 1.29 -9.24 13.92
CA ARG A 205 2.48 -9.22 14.77
C ARG A 205 2.69 -7.93 15.54
N TYR A 206 2.38 -6.79 14.95
CA TYR A 206 2.63 -5.52 15.64
C TYR A 206 1.44 -4.93 16.36
N HIS A 207 0.25 -5.07 15.80
CA HIS A 207 -0.91 -4.52 16.50
C HIS A 207 -2.07 -5.48 16.73
N PRO A 208 -1.77 -6.69 17.21
CA PRO A 208 -2.89 -7.60 17.46
C PRO A 208 -3.57 -7.04 18.71
N ILE A 209 -4.77 -7.52 19.04
CA ILE A 209 -5.46 -7.07 20.23
C ILE A 209 -5.21 -8.18 21.25
N VAL A 210 -4.37 -7.88 22.24
CA VAL A 210 -4.01 -8.88 23.25
C VAL A 210 -4.68 -8.63 24.59
N HIS A 211 -5.32 -9.67 25.10
CA HIS A 211 -5.98 -9.56 26.39
C HIS A 211 -5.69 -10.84 27.14
N GLU A 212 -5.08 -10.69 28.32
CA GLU A 212 -4.74 -11.82 29.16
C GLU A 212 -4.09 -12.96 28.39
N GLY A 213 -3.05 -12.61 27.63
CA GLY A 213 -2.32 -13.58 26.85
C GLY A 213 -2.98 -14.07 25.58
N GLU A 214 -4.17 -13.58 25.25
CA GLU A 214 -4.83 -14.05 24.05
C GLU A 214 -5.06 -12.98 22.99
N LYS A 215 -4.89 -13.38 21.72
CA LYS A 215 -5.12 -12.47 20.61
C LYS A 215 -6.61 -12.52 20.33
N LEU A 216 -7.25 -11.36 20.38
CA LEU A 216 -8.69 -11.28 20.17
C LEU A 216 -9.07 -10.88 18.76
N LYS A 217 -10.33 -11.15 18.43
CA LYS A 217 -10.90 -10.78 17.15
C LYS A 217 -11.88 -9.66 17.47
N PRO A 218 -11.80 -8.55 16.73
CA PRO A 218 -12.75 -7.49 17.06
C PRO A 218 -14.16 -7.94 16.65
N VAL A 219 -15.15 -7.35 17.30
CA VAL A 219 -16.55 -7.63 17.01
C VAL A 219 -17.00 -6.56 16.01
N ALA A 220 -17.64 -6.99 14.93
CA ALA A 220 -18.14 -6.06 13.92
C ALA A 220 -19.63 -5.81 14.17
N VAL A 221 -20.03 -4.54 14.19
CA VAL A 221 -21.44 -4.21 14.40
C VAL A 221 -21.84 -3.29 13.26
N HIS A 222 -22.79 -3.77 12.45
CA HIS A 222 -23.22 -3.03 11.27
C HIS A 222 -24.65 -2.52 11.38
N HIS A 223 -24.84 -1.25 11.06
CA HIS A 223 -26.18 -0.72 11.15
C HIS A 223 -26.84 -0.63 9.80
N HIS A 224 -28.17 -0.62 9.83
CA HIS A 224 -29.00 -0.55 8.64
C HIS A 224 -28.70 0.70 7.82
N LEU A 225 -28.73 0.56 6.50
CA LEU A 225 -28.50 1.70 5.61
C LEU A 225 -29.86 2.29 5.19
N LEU A 226 -30.16 3.50 5.64
CA LEU A 226 -31.43 4.11 5.25
C LEU A 226 -31.45 4.38 3.75
N LEU A 227 -32.59 4.10 3.11
CA LEU A 227 -32.76 4.31 1.69
C LEU A 227 -32.97 5.79 1.35
N GLY A 228 -32.58 6.16 0.14
CA GLY A 228 -32.80 7.53 -0.30
C GLY A 228 -34.31 7.59 -0.58
N LEU A 229 -34.87 8.79 -0.70
CA LEU A 229 -36.31 8.93 -0.92
C LEU A 229 -36.76 8.82 -2.38
N GLN A 230 -35.82 8.73 -3.31
CA GLN A 230 -36.15 8.66 -4.73
C GLN A 230 -36.79 7.35 -5.17
N GLU A 231 -37.60 7.40 -6.23
CA GLU A 231 -38.24 6.19 -6.72
C GLU A 231 -37.18 5.33 -7.40
N PRO A 232 -37.35 4.00 -7.34
CA PRO A 232 -36.41 3.05 -7.94
C PRO A 232 -36.23 3.24 -9.44
N PRO A 233 -35.09 2.78 -9.99
CA PRO A 233 -34.81 2.90 -11.43
C PRO A 233 -35.75 2.00 -12.23
N LYS A 234 -36.34 1.03 -11.55
CA LYS A 234 -37.26 0.09 -12.16
C LYS A 234 -38.41 -0.26 -11.21
N TRP A 235 -39.59 -0.49 -11.76
CA TRP A 235 -40.74 -0.84 -10.93
C TRP A 235 -41.81 -1.52 -11.77
N PRO A 236 -42.42 -2.60 -11.24
CA PRO A 236 -42.16 -3.18 -9.92
C PRO A 236 -40.84 -3.94 -9.86
N ILE A 237 -40.34 -4.15 -8.65
CA ILE A 237 -39.11 -4.89 -8.45
C ILE A 237 -39.48 -6.36 -8.39
N GLU A 238 -38.90 -7.16 -9.29
CA GLU A 238 -39.20 -8.58 -9.37
C GLU A 238 -38.50 -9.51 -8.37
N SER A 239 -37.36 -10.07 -8.76
CA SER A 239 -36.62 -10.99 -7.90
C SER A 239 -36.13 -10.42 -6.58
N GLU A 240 -35.70 -11.32 -5.69
CA GLU A 240 -35.18 -10.95 -4.38
C GLU A 240 -33.77 -10.42 -4.56
N GLU A 241 -33.02 -11.03 -5.48
CA GLU A 241 -31.65 -10.61 -5.75
C GLU A 241 -31.71 -9.17 -6.28
N GLU A 242 -32.76 -8.88 -7.03
CA GLU A 242 -32.96 -7.55 -7.60
C GLU A 242 -33.31 -6.56 -6.49
N PHE A 243 -34.08 -7.02 -5.52
CA PHE A 243 -34.49 -6.23 -4.37
C PHE A 243 -33.20 -5.71 -3.71
N LYS A 244 -32.35 -6.64 -3.28
CA LYS A 244 -31.08 -6.30 -2.66
C LYS A 244 -30.24 -5.36 -3.54
N GLU A 245 -30.06 -5.75 -4.79
CA GLU A 245 -29.30 -4.97 -5.77
C GLU A 245 -29.75 -3.50 -5.84
N ILE A 246 -31.06 -3.30 -5.99
CA ILE A 246 -31.60 -1.95 -6.08
C ILE A 246 -31.44 -1.19 -4.76
N LYS A 247 -31.65 -1.88 -3.64
CA LYS A 247 -31.50 -1.22 -2.34
C LYS A 247 -30.08 -0.70 -2.17
N ALA A 248 -29.09 -1.48 -2.61
CA ALA A 248 -27.70 -1.07 -2.52
C ALA A 248 -27.47 0.19 -3.34
N GLN A 249 -28.15 0.28 -4.48
CA GLN A 249 -28.04 1.42 -5.37
C GLN A 249 -28.81 2.65 -4.86
N MET A 250 -29.93 2.38 -4.19
CA MET A 250 -30.80 3.44 -3.70
C MET A 250 -30.48 4.01 -2.32
N LYS A 251 -29.48 3.45 -1.63
CA LYS A 251 -29.12 3.95 -0.30
C LYS A 251 -28.81 5.45 -0.38
N MET A 252 -29.26 6.19 0.64
CA MET A 252 -29.09 7.64 0.70
C MET A 252 -27.70 8.19 0.42
N SER A 253 -26.64 7.45 0.73
CA SER A 253 -25.29 7.94 0.45
C SER A 253 -25.03 8.13 -1.04
N LYS A 254 -25.87 7.52 -1.87
CA LYS A 254 -25.70 7.65 -3.31
C LYS A 254 -26.75 8.53 -3.98
N SER A 255 -27.69 9.04 -3.18
CA SER A 255 -28.79 9.88 -3.69
C SER A 255 -28.40 11.33 -3.96
N LYS A 256 -29.17 11.98 -4.82
CA LYS A 256 -28.95 13.39 -5.13
C LYS A 256 -29.47 14.16 -3.90
N PRO A 257 -28.97 15.38 -3.69
CA PRO A 257 -29.38 16.22 -2.56
C PRO A 257 -30.90 16.32 -2.38
N TYR A 258 -31.62 16.32 -3.50
CA TYR A 258 -33.07 16.44 -3.47
C TYR A 258 -33.79 15.21 -2.93
N SER A 259 -33.10 14.07 -2.91
CA SER A 259 -33.68 12.81 -2.43
C SER A 259 -33.06 12.33 -1.13
N ALA A 260 -32.30 13.22 -0.48
CA ALA A 260 -31.68 12.89 0.78
C ALA A 260 -31.98 14.02 1.74
N VAL A 261 -32.21 13.69 3.00
CA VAL A 261 -32.48 14.74 3.97
C VAL A 261 -31.22 14.88 4.83
N PHE A 262 -30.79 16.13 5.01
CA PHE A 262 -29.61 16.43 5.81
C PHE A 262 -30.02 16.91 7.20
N ILE A 263 -29.18 16.65 8.19
CA ILE A 263 -29.50 17.00 9.56
C ILE A 263 -29.88 18.46 9.79
N HIS A 264 -29.33 19.36 8.97
CA HIS A 264 -29.66 20.78 9.11
C HIS A 264 -30.61 21.33 8.06
N ASP A 265 -31.30 20.46 7.33
CA ASP A 265 -32.26 20.94 6.32
C ASP A 265 -33.35 21.77 7.03
N SER A 266 -33.81 22.85 6.39
CA SER A 266 -34.83 23.70 6.98
C SER A 266 -36.16 22.95 7.07
N PRO A 267 -37.11 23.47 7.87
CA PRO A 267 -38.40 22.80 8.00
C PRO A 267 -39.06 22.66 6.63
N GLU A 268 -38.97 23.72 5.82
CA GLU A 268 -39.57 23.69 4.50
C GLU A 268 -38.91 22.68 3.55
N GLU A 269 -37.58 22.60 3.59
CA GLU A 269 -36.89 21.64 2.73
C GLU A 269 -37.32 20.23 3.12
N ILE A 270 -37.47 19.99 4.42
CA ILE A 270 -37.88 18.67 4.87
C ILE A 270 -39.30 18.34 4.38
N ARG A 271 -40.23 19.28 4.52
CA ARG A 271 -41.60 19.02 4.07
C ARG A 271 -41.60 18.73 2.59
N GLN A 272 -40.85 19.53 1.84
CA GLN A 272 -40.77 19.37 0.41
C GLN A 272 -40.22 18.00 0.00
N LYS A 273 -39.11 17.59 0.63
CA LYS A 273 -38.52 16.30 0.31
C LYS A 273 -39.42 15.12 0.66
N LEU A 274 -40.04 15.14 1.84
CA LEU A 274 -40.93 14.04 2.21
C LEU A 274 -42.13 14.02 1.28
N ARG A 275 -42.56 15.21 0.90
CA ARG A 275 -43.70 15.38 -0.01
C ARG A 275 -43.49 14.64 -1.32
N LYS A 276 -42.30 14.73 -1.90
CA LYS A 276 -42.04 14.02 -3.15
C LYS A 276 -41.45 12.63 -3.00
N ALA A 277 -41.25 12.20 -1.76
CA ALA A 277 -40.65 10.88 -1.51
C ALA A 277 -41.47 9.74 -2.12
N PHE A 278 -40.78 8.67 -2.51
CA PHE A 278 -41.43 7.50 -3.08
C PHE A 278 -42.09 6.78 -1.89
N CYS A 279 -43.38 6.50 -2.02
CA CYS A 279 -44.12 5.83 -0.94
C CYS A 279 -45.48 5.37 -1.50
N PRO A 280 -45.46 4.32 -2.34
CA PRO A 280 -46.67 3.76 -2.95
C PRO A 280 -47.66 3.27 -1.91
N ALA A 281 -48.93 3.59 -2.12
CA ALA A 281 -49.97 3.16 -1.19
C ALA A 281 -49.91 1.64 -1.03
N ARG A 282 -50.00 1.20 0.23
CA ARG A 282 -50.00 -0.22 0.59
C ARG A 282 -48.69 -0.97 0.31
N GLU A 283 -47.72 -0.33 -0.34
CA GLU A 283 -46.45 -0.99 -0.62
C GLU A 283 -45.61 -1.04 0.65
N VAL A 284 -45.23 -2.25 1.06
CA VAL A 284 -44.42 -2.41 2.27
C VAL A 284 -43.09 -3.13 2.02
N ARG A 285 -42.88 -3.61 0.80
CA ARG A 285 -41.63 -4.31 0.46
C ARG A 285 -40.50 -3.30 0.20
N TYR A 286 -40.76 -2.34 -0.68
CA TYR A 286 -39.78 -1.30 -0.99
C TYR A 286 -40.51 0.03 -0.79
N ASN A 287 -40.19 0.69 0.30
CA ASN A 287 -40.81 1.96 0.63
C ASN A 287 -39.85 2.78 1.49
N PRO A 288 -39.16 3.75 0.89
CA PRO A 288 -38.21 4.59 1.62
C PRO A 288 -38.81 5.25 2.86
N VAL A 289 -40.06 5.68 2.75
CA VAL A 289 -40.71 6.33 3.87
C VAL A 289 -40.92 5.38 5.04
N LEU A 290 -41.41 4.17 4.78
CA LEU A 290 -41.63 3.21 5.85
C LEU A 290 -40.27 2.81 6.43
N ASP A 291 -39.25 2.80 5.59
CA ASP A 291 -37.88 2.46 5.99
C ASP A 291 -37.44 3.44 7.09
N TRP A 292 -37.70 4.73 6.87
CA TRP A 292 -37.35 5.77 7.83
C TRP A 292 -38.23 5.68 9.08
N VAL A 293 -39.50 5.34 8.89
CA VAL A 293 -40.42 5.20 10.03
C VAL A 293 -39.94 4.07 10.94
N GLU A 294 -39.55 2.95 10.33
CA GLU A 294 -39.10 1.82 11.13
C GLU A 294 -37.80 2.06 11.90
N TYR A 295 -36.79 2.59 11.21
CA TYR A 295 -35.48 2.81 11.83
C TYR A 295 -35.24 4.11 12.59
N ILE A 296 -36.05 5.13 12.33
CA ILE A 296 -35.88 6.40 13.04
C ILE A 296 -36.98 6.54 14.10
N ILE A 297 -38.21 6.69 13.63
CA ILE A 297 -39.35 6.88 14.54
C ILE A 297 -39.57 5.74 15.55
N PHE A 298 -39.45 4.49 15.11
CA PHE A 298 -39.63 3.36 16.02
C PHE A 298 -38.29 2.73 16.36
N ARG A 299 -37.25 3.56 16.47
CA ARG A 299 -35.93 3.08 16.81
C ARG A 299 -36.07 2.36 18.13
N GLU A 300 -36.80 2.96 19.05
CA GLU A 300 -37.04 2.36 20.35
C GLU A 300 -38.54 2.24 20.56
N GLU A 301 -39.02 1.01 20.65
CA GLU A 301 -40.44 0.78 20.86
C GLU A 301 -40.65 -0.16 22.05
N PRO A 302 -41.83 -0.10 22.67
CA PRO A 302 -42.93 0.81 22.29
C PRO A 302 -42.65 2.29 22.49
N THR A 303 -43.33 3.07 21.66
CA THR A 303 -43.23 4.52 21.69
C THR A 303 -44.60 4.98 21.21
N GLU A 304 -44.76 6.29 21.02
CA GLU A 304 -46.03 6.81 20.56
C GLU A 304 -45.83 7.70 19.34
N PHE A 305 -46.39 7.27 18.21
CA PHE A 305 -46.31 8.05 16.97
C PHE A 305 -47.74 8.29 16.50
N THR A 306 -48.17 9.55 16.54
CA THR A 306 -49.52 9.90 16.15
C THR A 306 -49.64 10.58 14.79
N VAL A 307 -50.58 10.09 13.98
CA VAL A 307 -50.85 10.68 12.68
C VAL A 307 -52.21 11.38 12.85
N HIS A 308 -52.19 12.71 12.80
CA HIS A 308 -53.42 13.48 12.96
C HIS A 308 -54.16 13.59 11.63
N ARG A 309 -55.45 13.25 11.66
CA ARG A 309 -56.29 13.29 10.47
C ARG A 309 -57.70 13.69 10.88
N PRO A 310 -58.46 14.30 9.97
CA PRO A 310 -59.83 14.65 10.34
C PRO A 310 -60.63 13.36 10.32
N ALA A 311 -61.74 13.34 11.05
CA ALA A 311 -62.58 12.14 11.10
C ALA A 311 -62.87 11.52 9.73
N LYS A 312 -63.10 12.36 8.72
CA LYS A 312 -63.40 11.84 7.39
C LYS A 312 -62.27 10.99 6.79
N PHE A 313 -61.04 11.17 7.27
CA PHE A 313 -59.92 10.40 6.77
C PHE A 313 -59.44 9.37 7.80
N GLY A 314 -60.29 9.09 8.79
CA GLY A 314 -59.96 8.11 9.80
C GLY A 314 -59.66 8.64 11.19
N GLY A 315 -59.65 9.96 11.35
CA GLY A 315 -59.37 10.53 12.66
C GLY A 315 -57.95 10.25 13.13
N ASP A 316 -57.52 10.95 14.18
CA ASP A 316 -56.18 10.75 14.73
C ASP A 316 -55.95 9.30 15.11
N VAL A 317 -54.74 8.82 14.85
CA VAL A 317 -54.39 7.45 15.20
C VAL A 317 -52.98 7.45 15.77
N THR A 318 -52.82 6.81 16.93
CA THR A 318 -51.51 6.75 17.59
C THR A 318 -50.97 5.33 17.53
N TYR A 319 -49.75 5.19 17.03
CA TYR A 319 -49.12 3.88 16.93
C TYR A 319 -48.06 3.70 18.01
N THR A 320 -47.91 2.47 18.49
CA THR A 320 -46.93 2.19 19.53
C THR A 320 -45.81 1.32 19.00
N THR A 321 -46.06 0.57 17.94
CA THR A 321 -45.03 -0.26 17.36
C THR A 321 -45.06 -0.11 15.83
N PHE A 322 -43.92 -0.35 15.20
CA PHE A 322 -43.84 -0.23 13.76
C PHE A 322 -44.80 -1.21 13.12
N GLU A 323 -44.85 -2.42 13.66
CA GLU A 323 -45.71 -3.46 13.12
C GLU A 323 -47.16 -3.01 12.97
N GLU A 324 -47.71 -2.34 13.98
CA GLU A 324 -49.09 -1.86 13.89
C GLU A 324 -49.22 -0.92 12.70
N LEU A 325 -48.31 0.05 12.63
CA LEU A 325 -48.33 1.03 11.55
C LEU A 325 -48.21 0.37 10.19
N LYS A 326 -47.28 -0.56 10.07
CA LYS A 326 -47.06 -1.26 8.82
C LYS A 326 -48.33 -1.99 8.38
N ARG A 327 -49.01 -2.63 9.32
CA ARG A 327 -50.24 -3.36 9.04
C ARG A 327 -51.28 -2.38 8.49
N ASP A 328 -51.49 -1.29 9.23
CA ASP A 328 -52.44 -0.26 8.82
C ASP A 328 -52.11 0.30 7.44
N PHE A 329 -50.83 0.35 7.10
CA PHE A 329 -50.43 0.87 5.79
C PHE A 329 -50.70 -0.17 4.71
N ALA A 330 -50.31 -1.41 4.98
CA ALA A 330 -50.51 -2.49 4.01
C ALA A 330 -51.99 -2.67 3.71
N GLU A 331 -52.83 -2.48 4.72
CA GLU A 331 -54.27 -2.63 4.56
C GLU A 331 -54.98 -1.38 4.02
N GLY A 332 -54.20 -0.37 3.62
CA GLY A 332 -54.79 0.84 3.08
C GLY A 332 -55.56 1.67 4.10
N LYS A 333 -55.28 1.48 5.38
CA LYS A 333 -55.96 2.26 6.41
C LYS A 333 -55.16 3.52 6.75
N LEU A 334 -53.89 3.54 6.34
CA LEU A 334 -53.00 4.69 6.56
C LEU A 334 -52.49 5.08 5.18
N HIS A 335 -52.88 6.25 4.71
CA HIS A 335 -52.47 6.68 3.38
C HIS A 335 -51.17 7.48 3.34
N PRO A 336 -50.36 7.30 2.28
CA PRO A 336 -49.09 8.00 2.13
C PRO A 336 -49.18 9.51 2.38
N LEU A 337 -50.30 10.13 1.98
CA LEU A 337 -50.46 11.57 2.19
C LEU A 337 -50.31 11.94 3.67
N ASP A 338 -50.97 11.19 4.53
CA ASP A 338 -50.91 11.47 5.96
C ASP A 338 -49.61 11.00 6.60
N LEU A 339 -49.13 9.82 6.21
CA LEU A 339 -47.88 9.31 6.76
C LEU A 339 -46.72 10.27 6.44
N LYS A 340 -46.61 10.68 5.17
CA LYS A 340 -45.55 11.60 4.76
C LYS A 340 -45.54 12.88 5.59
N ASN A 341 -46.71 13.47 5.79
CA ASN A 341 -46.79 14.69 6.57
C ASN A 341 -46.39 14.45 8.01
N ALA A 342 -46.80 13.31 8.58
CA ALA A 342 -46.45 13.03 9.96
C ALA A 342 -44.93 12.80 10.09
N VAL A 343 -44.32 12.11 9.13
CA VAL A 343 -42.88 11.87 9.20
C VAL A 343 -42.11 13.18 9.09
N ALA A 344 -42.55 14.08 8.22
CA ALA A 344 -41.87 15.38 8.06
C ALA A 344 -41.84 16.16 9.38
N GLU A 345 -42.99 16.30 10.02
CA GLU A 345 -43.10 17.04 11.28
C GLU A 345 -42.25 16.39 12.35
N TYR A 346 -42.28 15.07 12.41
CA TYR A 346 -41.47 14.35 13.40
C TYR A 346 -39.99 14.70 13.17
N LEU A 347 -39.56 14.66 11.92
CA LEU A 347 -38.17 14.96 11.56
C LEU A 347 -37.82 16.43 11.87
N ILE A 348 -38.75 17.33 11.58
CA ILE A 348 -38.53 18.75 11.82
C ILE A 348 -38.28 18.99 13.30
N ASN A 349 -39.07 18.33 14.14
CA ASN A 349 -38.93 18.51 15.58
C ASN A 349 -37.70 17.80 16.12
N LEU A 350 -37.44 16.60 15.62
CA LEU A 350 -36.28 15.85 16.07
C LEU A 350 -34.99 16.63 15.84
N LEU A 351 -34.89 17.22 14.65
CA LEU A 351 -33.67 17.92 14.24
C LEU A 351 -33.54 19.39 14.65
N GLU A 352 -34.54 19.93 15.32
CA GLU A 352 -34.49 21.35 15.69
C GLU A 352 -33.22 21.78 16.41
N PRO A 353 -32.77 21.02 17.43
CA PRO A 353 -31.54 21.42 18.13
C PRO A 353 -30.37 21.62 17.17
N ILE A 354 -30.34 20.79 16.14
CA ILE A 354 -29.26 20.86 15.17
C ILE A 354 -29.38 22.14 14.33
N ARG A 355 -30.59 22.42 13.85
CA ARG A 355 -30.79 23.64 13.06
C ARG A 355 -30.44 24.86 13.91
N ARG A 356 -30.89 24.87 15.16
CA ARG A 356 -30.59 25.99 16.04
C ARG A 356 -29.09 26.20 16.20
N TYR A 357 -28.33 25.11 16.29
CA TYR A 357 -26.89 25.26 16.44
C TYR A 357 -26.28 25.88 15.19
N PHE A 358 -26.59 25.33 14.03
CA PHE A 358 -26.01 25.87 12.82
C PHE A 358 -26.51 27.25 12.48
N GLU A 359 -27.65 27.62 13.05
CA GLU A 359 -28.20 28.95 12.80
C GLU A 359 -27.42 29.98 13.61
N LYS A 360 -27.02 29.61 14.82
CA LYS A 360 -26.27 30.49 15.71
C LYS A 360 -24.80 30.54 15.35
N HIS A 361 -24.28 29.42 14.83
CA HIS A 361 -22.87 29.30 14.44
C HIS A 361 -22.88 28.97 12.94
N PRO A 362 -22.93 30.01 12.09
CA PRO A 362 -22.96 29.93 10.63
C PRO A 362 -21.66 29.61 9.90
N GLU A 363 -20.53 29.68 10.60
CA GLU A 363 -19.24 29.39 9.97
C GLU A 363 -19.23 28.05 9.23
N PRO A 364 -19.58 26.95 9.93
CA PRO A 364 -19.60 25.62 9.32
C PRO A 364 -20.32 25.52 7.97
N LEU A 365 -21.57 25.96 7.91
CA LEU A 365 -22.32 25.89 6.67
C LEU A 365 -21.79 26.83 5.60
N GLU A 366 -21.22 27.97 6.01
CA GLU A 366 -20.66 28.89 5.03
C GLU A 366 -19.45 28.19 4.40
N LEU A 367 -18.65 27.53 5.21
CA LEU A 367 -17.50 26.80 4.68
C LEU A 367 -17.99 25.80 3.63
N MET A 368 -19.00 25.02 3.99
CA MET A 368 -19.55 24.00 3.08
C MET A 368 -20.04 24.57 1.76
N ARG A 369 -20.72 25.71 1.80
CA ARG A 369 -21.21 26.32 0.57
C ARG A 369 -20.07 26.76 -0.35
N SER A 370 -18.90 27.01 0.23
CA SER A 370 -17.75 27.45 -0.56
C SER A 370 -16.95 26.33 -1.19
N VAL A 371 -17.12 25.10 -0.71
CA VAL A 371 -16.38 23.97 -1.26
C VAL A 371 -17.14 23.28 -2.40
N MET B 1 36.41 19.14 -12.55
CA MET B 1 36.40 18.10 -13.62
C MET B 1 35.47 18.52 -14.74
N ASP B 2 35.94 18.35 -15.98
CA ASP B 2 35.16 18.69 -17.17
C ASP B 2 33.88 17.87 -17.27
N ILE B 3 32.82 18.46 -17.81
CA ILE B 3 31.55 17.76 -17.92
C ILE B 3 31.61 16.47 -18.75
N GLU B 4 32.46 16.43 -19.77
CA GLU B 4 32.60 15.23 -20.58
C GLU B 4 33.15 14.08 -19.76
N GLU B 5 34.14 14.38 -18.94
CA GLU B 5 34.73 13.34 -18.11
C GLU B 5 33.72 12.84 -17.08
N ARG B 6 32.85 13.72 -16.59
CA ARG B 6 31.86 13.30 -15.59
C ARG B 6 30.80 12.42 -16.23
N ILE B 7 30.38 12.78 -17.44
CA ILE B 7 29.39 12.00 -18.15
C ILE B 7 29.94 10.61 -18.46
N ASN B 8 31.19 10.56 -18.92
CA ASN B 8 31.84 9.31 -19.26
C ASN B 8 31.94 8.41 -18.05
N LEU B 9 32.26 9.00 -16.90
CA LEU B 9 32.36 8.26 -15.65
C LEU B 9 31.03 7.56 -15.38
N VAL B 10 29.92 8.27 -15.59
CA VAL B 10 28.61 7.70 -15.36
C VAL B 10 28.25 6.61 -16.36
N LEU B 11 28.59 6.83 -17.63
CA LEU B 11 28.25 5.89 -18.70
C LEU B 11 29.13 4.64 -18.89
N LYS B 12 30.35 4.66 -18.39
CA LYS B 12 31.25 3.52 -18.60
C LYS B 12 30.78 2.19 -18.01
N LYS B 13 31.20 1.10 -18.66
CA LYS B 13 30.87 -0.25 -18.23
C LYS B 13 31.17 -0.32 -16.74
N PRO B 14 30.41 -1.10 -15.98
CA PRO B 14 29.29 -1.93 -16.46
C PRO B 14 27.93 -1.28 -16.68
N THR B 15 27.83 0.05 -16.73
CA THR B 15 26.50 0.59 -16.96
C THR B 15 26.07 0.18 -18.36
N GLU B 16 24.80 -0.14 -18.49
CA GLU B 16 24.20 -0.62 -19.73
C GLU B 16 23.17 0.35 -20.29
N GLU B 17 22.54 1.12 -19.41
CA GLU B 17 21.52 2.07 -19.85
C GLU B 17 21.46 3.27 -18.92
N VAL B 18 21.25 4.44 -19.52
CA VAL B 18 21.11 5.67 -18.76
C VAL B 18 19.86 6.37 -19.28
N LEU B 19 18.92 6.65 -18.39
CA LEU B 19 17.69 7.34 -18.78
C LEU B 19 17.70 8.70 -18.08
N THR B 20 18.19 9.75 -18.74
CA THR B 20 18.73 9.73 -20.10
C THR B 20 20.02 10.53 -20.01
N VAL B 21 20.86 10.43 -21.04
CA VAL B 21 22.12 11.17 -21.04
C VAL B 21 21.83 12.67 -21.08
N GLU B 22 20.79 13.05 -21.81
CA GLU B 22 20.40 14.45 -21.90
C GLU B 22 20.09 15.05 -20.51
N ASN B 23 19.26 14.37 -19.73
CA ASN B 23 18.90 14.85 -18.40
C ASN B 23 20.08 14.86 -17.45
N LEU B 24 21.00 13.91 -17.64
CA LEU B 24 22.19 13.81 -16.81
C LEU B 24 23.07 15.04 -17.03
N ARG B 25 23.29 15.38 -18.30
CA ARG B 25 24.09 16.54 -18.67
C ARG B 25 23.39 17.78 -18.09
N HIS B 26 22.06 17.81 -18.23
CA HIS B 26 21.25 18.91 -17.70
C HIS B 26 21.51 19.07 -16.19
N LEU B 27 21.46 17.97 -15.45
CA LEU B 27 21.70 18.03 -14.00
C LEU B 27 23.08 18.57 -13.69
N PHE B 28 24.07 18.14 -14.47
CA PHE B 28 25.44 18.61 -14.26
C PHE B 28 25.53 20.12 -14.51
N GLU B 29 24.99 20.58 -15.64
CA GLU B 29 25.06 22.01 -15.98
C GLU B 29 24.36 22.97 -15.03
N ILE B 30 23.19 22.59 -14.53
CA ILE B 30 22.45 23.48 -13.63
C ILE B 30 22.90 23.41 -12.16
N GLY B 31 23.92 22.60 -11.87
CA GLY B 31 24.38 22.48 -10.50
C GLY B 31 23.38 21.80 -9.58
N ALA B 32 22.51 20.97 -10.15
CA ALA B 32 21.51 20.27 -9.34
C ALA B 32 22.21 19.36 -8.32
N PRO B 33 21.53 19.06 -7.21
CA PRO B 33 22.16 18.18 -6.22
C PRO B 33 22.43 16.80 -6.86
N LEU B 34 23.55 16.19 -6.51
CA LEU B 34 23.88 14.88 -7.06
C LEU B 34 23.89 13.81 -5.96
N GLN B 35 22.70 13.29 -5.71
CA GLN B 35 22.50 12.27 -4.69
C GLN B 35 22.18 10.95 -5.36
N HIS B 36 23.04 9.98 -5.14
CA HIS B 36 22.87 8.64 -5.67
C HIS B 36 22.40 7.66 -4.59
N TYR B 37 21.95 6.50 -5.06
CA TYR B 37 21.59 5.41 -4.19
C TYR B 37 21.33 4.18 -5.04
N ILE B 38 21.50 3.01 -4.43
CA ILE B 38 21.19 1.74 -5.05
C ILE B 38 20.73 0.90 -3.87
N GLY B 39 19.55 0.33 -4.00
CA GLY B 39 18.99 -0.48 -2.92
C GLY B 39 19.24 -1.96 -3.12
N PHE B 40 19.27 -2.69 -2.01
CA PHE B 40 19.51 -4.13 -2.04
C PHE B 40 18.59 -4.86 -1.09
N GLU B 41 18.02 -5.95 -1.56
CA GLU B 41 17.19 -6.76 -0.68
C GLU B 41 18.24 -7.49 0.16
N ILE B 42 17.84 -7.93 1.34
CA ILE B 42 18.73 -8.61 2.24
C ILE B 42 18.33 -10.09 2.32
N SER B 43 19.17 -10.96 1.80
CA SER B 43 18.85 -12.38 1.84
C SER B 43 20.06 -13.25 2.17
N GLY B 44 20.76 -13.69 1.13
CA GLY B 44 21.91 -14.55 1.33
C GLY B 44 23.23 -13.85 1.06
N TYR B 45 24.22 -14.66 0.71
CA TYR B 45 25.55 -14.18 0.41
C TYR B 45 25.59 -13.27 -0.80
N ILE B 46 26.49 -12.30 -0.76
CA ILE B 46 26.65 -11.35 -1.85
C ILE B 46 27.41 -12.00 -3.01
N HIS B 47 26.78 -12.11 -4.18
CA HIS B 47 27.48 -12.71 -5.32
C HIS B 47 28.23 -11.60 -6.07
N LEU B 48 29.07 -11.97 -7.02
CA LEU B 48 29.87 -10.98 -7.75
C LEU B 48 29.10 -9.88 -8.46
N GLY B 49 27.91 -10.21 -8.97
CA GLY B 49 27.13 -9.18 -9.64
C GLY B 49 26.71 -8.11 -8.65
N THR B 50 26.08 -8.56 -7.58
CA THR B 50 25.60 -7.66 -6.54
C THR B 50 26.73 -6.78 -6.01
N GLY B 51 27.84 -7.41 -5.63
CA GLY B 51 28.94 -6.65 -5.08
C GLY B 51 29.85 -5.90 -6.04
N LEU B 52 30.37 -6.58 -7.06
CA LEU B 52 31.33 -5.94 -7.97
C LEU B 52 30.78 -4.97 -8.97
N MET B 53 29.61 -5.26 -9.55
CA MET B 53 29.06 -4.35 -10.53
C MET B 53 28.58 -3.08 -9.83
N ALA B 54 27.87 -3.22 -8.71
CA ALA B 54 27.42 -2.04 -7.99
C ALA B 54 28.66 -1.28 -7.46
N GLY B 55 29.62 -2.05 -6.95
CA GLY B 55 30.82 -1.46 -6.41
C GLY B 55 31.57 -0.63 -7.44
N ALA B 56 31.67 -1.14 -8.66
CA ALA B 56 32.37 -0.44 -9.72
C ALA B 56 31.71 0.90 -10.04
N LYS B 57 30.38 0.90 -10.13
CA LYS B 57 29.67 2.15 -10.43
C LYS B 57 29.76 3.13 -9.29
N ILE B 58 29.65 2.63 -8.06
CA ILE B 58 29.75 3.51 -6.92
C ILE B 58 31.12 4.22 -6.99
N ALA B 59 32.18 3.48 -7.30
CA ALA B 59 33.50 4.09 -7.43
C ALA B 59 33.50 5.14 -8.54
N ASP B 60 32.91 4.82 -9.69
CA ASP B 60 32.85 5.78 -10.79
C ASP B 60 32.09 7.04 -10.39
N PHE B 61 30.95 6.86 -9.73
CA PHE B 61 30.13 7.99 -9.33
C PHE B 61 30.87 8.90 -8.36
N GLN B 62 31.63 8.32 -7.44
CA GLN B 62 32.38 9.11 -6.48
C GLN B 62 33.35 10.01 -7.24
N LYS B 63 34.09 9.44 -8.18
CA LYS B 63 35.06 10.23 -8.96
C LYS B 63 34.36 11.33 -9.76
N ALA B 64 33.09 11.12 -10.08
CA ALA B 64 32.34 12.13 -10.83
C ALA B 64 31.76 13.19 -9.88
N GLY B 65 32.08 13.09 -8.59
CA GLY B 65 31.57 14.06 -7.64
C GLY B 65 30.13 13.84 -7.21
N ILE B 66 29.64 12.61 -7.36
CA ILE B 66 28.26 12.27 -6.97
C ILE B 66 28.30 11.65 -5.58
N LYS B 67 27.38 12.04 -4.71
CA LYS B 67 27.33 11.49 -3.34
C LYS B 67 26.66 10.11 -3.41
N THR B 68 27.38 9.07 -3.02
CA THR B 68 26.85 7.71 -3.09
C THR B 68 26.27 7.15 -1.79
N ARG B 69 25.28 6.28 -1.95
CA ARG B 69 24.58 5.67 -0.82
C ARG B 69 24.11 4.25 -1.11
N VAL B 70 24.32 3.35 -0.15
CA VAL B 70 23.85 1.97 -0.26
C VAL B 70 22.61 1.91 0.63
N PHE B 71 21.50 1.48 0.04
CA PHE B 71 20.21 1.39 0.72
C PHE B 71 19.87 -0.07 1.03
N LEU B 72 19.82 -0.39 2.33
CA LEU B 72 19.54 -1.76 2.79
C LEU B 72 18.02 -1.89 2.99
N ALA B 73 17.34 -2.49 2.01
CA ALA B 73 15.88 -2.59 2.02
C ALA B 73 15.30 -3.67 2.92
N ASP B 74 15.27 -3.40 4.23
CA ASP B 74 14.77 -4.39 5.16
C ASP B 74 13.27 -4.68 5.09
N TRP B 75 12.41 -3.68 5.18
CA TRP B 75 10.98 -3.95 5.10
C TRP B 75 10.63 -4.57 3.76
N HIS B 76 11.35 -4.15 2.72
CA HIS B 76 11.12 -4.67 1.38
C HIS B 76 11.43 -6.17 1.35
N SER B 77 12.53 -6.55 1.99
CA SER B 77 12.93 -7.96 2.03
C SER B 77 11.91 -8.76 2.84
N TRP B 78 11.41 -8.16 3.91
CA TRP B 78 10.40 -8.79 4.76
C TRP B 78 9.13 -9.03 3.91
N ILE B 79 8.71 -8.02 3.18
CA ILE B 79 7.54 -8.14 2.32
C ILE B 79 7.79 -9.25 1.29
N ASN B 80 9.00 -9.33 0.77
CA ASN B 80 9.32 -10.33 -0.24
C ASN B 80 9.72 -11.70 0.29
N ASP B 81 9.39 -11.95 1.56
CA ASP B 81 9.66 -13.24 2.20
C ASP B 81 11.12 -13.73 2.27
N LYS B 82 12.08 -12.82 2.42
CA LYS B 82 13.46 -13.27 2.50
C LYS B 82 13.77 -13.64 3.94
N LEU B 83 14.75 -14.51 4.12
CA LEU B 83 15.14 -14.92 5.45
C LEU B 83 13.89 -15.33 6.26
N GLY B 84 13.06 -16.15 5.63
CA GLY B 84 11.85 -16.63 6.29
C GLY B 84 10.87 -15.57 6.74
N GLY B 85 10.99 -14.37 6.18
CA GLY B 85 10.08 -13.30 6.56
C GLY B 85 10.28 -12.82 7.98
N ASP B 86 11.48 -13.03 8.52
CA ASP B 86 11.79 -12.59 9.88
C ASP B 86 12.51 -11.25 9.77
N LEU B 87 11.77 -10.17 10.02
CA LEU B 87 12.33 -8.81 9.92
C LEU B 87 13.52 -8.57 10.81
N GLU B 88 13.48 -9.07 12.04
CA GLU B 88 14.60 -8.90 12.96
C GLU B 88 15.87 -9.56 12.43
N VAL B 89 15.73 -10.74 11.84
CA VAL B 89 16.89 -11.44 11.29
C VAL B 89 17.39 -10.63 10.09
N ILE B 90 16.45 -10.19 9.25
CA ILE B 90 16.79 -9.40 8.07
C ILE B 90 17.62 -8.18 8.49
N GLN B 91 17.18 -7.51 9.53
CA GLN B 91 17.88 -6.32 10.00
C GLN B 91 19.24 -6.61 10.58
N GLU B 92 19.38 -7.75 11.24
CA GLU B 92 20.66 -8.12 11.81
C GLU B 92 21.62 -8.47 10.65
N VAL B 93 21.13 -9.23 9.69
CA VAL B 93 21.96 -9.62 8.55
C VAL B 93 22.41 -8.40 7.76
N ALA B 94 21.50 -7.45 7.57
CA ALA B 94 21.77 -6.21 6.83
C ALA B 94 22.91 -5.41 7.44
N LEU B 95 22.87 -5.27 8.75
CA LEU B 95 23.87 -4.50 9.48
C LEU B 95 25.18 -5.23 9.81
N LYS B 96 25.11 -6.53 10.08
CA LYS B 96 26.32 -7.27 10.44
C LYS B 96 27.02 -7.95 9.29
N TYR B 97 26.28 -8.31 8.25
CA TYR B 97 26.90 -8.97 7.11
C TYR B 97 26.89 -8.17 5.81
N PHE B 98 25.70 -7.83 5.33
CA PHE B 98 25.58 -7.15 4.04
C PHE B 98 26.33 -5.83 3.94
N LYS B 99 26.16 -4.96 4.93
CA LYS B 99 26.83 -3.66 4.93
C LYS B 99 28.33 -3.80 4.74
N VAL B 100 28.97 -4.63 5.55
CA VAL B 100 30.43 -4.77 5.44
C VAL B 100 30.82 -5.46 4.13
N GLY B 101 30.00 -6.40 3.69
CA GLY B 101 30.29 -7.08 2.45
C GLY B 101 30.33 -6.09 1.30
N MET B 102 29.42 -5.11 1.33
CA MET B 102 29.36 -4.11 0.28
C MET B 102 30.54 -3.16 0.38
N GLU B 103 30.91 -2.79 1.61
CA GLU B 103 32.05 -1.89 1.83
C GLU B 103 33.30 -2.50 1.19
N LYS B 104 33.52 -3.79 1.47
CA LYS B 104 34.66 -4.53 0.96
C LYS B 104 34.60 -4.65 -0.57
N SER B 105 33.40 -4.81 -1.11
CA SER B 105 33.22 -4.92 -2.55
C SER B 105 33.56 -3.59 -3.21
N ILE B 106 33.09 -2.51 -2.60
CA ILE B 106 33.35 -1.17 -3.12
C ILE B 106 34.85 -0.93 -3.06
N GLU B 107 35.47 -1.36 -1.98
CA GLU B 107 36.90 -1.20 -1.80
C GLU B 107 37.74 -1.88 -2.88
N VAL B 108 37.47 -3.14 -3.20
CA VAL B 108 38.30 -3.80 -4.22
C VAL B 108 38.02 -3.27 -5.62
N MET B 109 36.87 -2.63 -5.82
CA MET B 109 36.56 -2.08 -7.13
C MET B 109 37.10 -0.64 -7.27
N GLY B 110 37.88 -0.21 -6.28
CA GLY B 110 38.48 1.11 -6.35
C GLY B 110 37.75 2.28 -5.74
N GLY B 111 36.65 2.01 -5.04
CA GLY B 111 35.90 3.09 -4.44
C GLY B 111 36.30 3.28 -3.00
N ASP B 112 35.81 4.35 -2.36
CA ASP B 112 36.11 4.60 -0.96
C ASP B 112 34.86 4.39 -0.11
N PRO B 113 34.74 3.21 0.51
CA PRO B 113 33.56 2.90 1.34
C PRO B 113 33.32 3.89 2.49
N LYS B 114 34.37 4.55 2.97
CA LYS B 114 34.22 5.52 4.04
C LYS B 114 33.43 6.73 3.56
N LYS B 115 33.39 6.95 2.26
CA LYS B 115 32.65 8.08 1.75
C LYS B 115 31.27 7.67 1.21
N VAL B 116 30.91 6.40 1.37
CA VAL B 116 29.60 5.91 0.92
C VAL B 116 28.62 5.93 2.09
N GLU B 117 27.44 6.51 1.89
CA GLU B 117 26.43 6.54 2.94
C GLU B 117 25.71 5.19 2.99
N PHE B 118 25.38 4.73 4.20
CA PHE B 118 24.65 3.48 4.37
C PHE B 118 23.36 3.76 5.15
N VAL B 119 22.23 3.48 4.49
CA VAL B 119 20.93 3.69 5.10
C VAL B 119 20.11 2.40 5.15
N LEU B 120 19.62 2.07 6.35
CA LEU B 120 18.75 0.91 6.54
C LEU B 120 17.39 1.53 6.21
N ALA B 121 16.65 0.94 5.26
CA ALA B 121 15.35 1.49 4.84
C ALA B 121 14.42 1.92 5.97
N SER B 122 14.33 1.12 7.02
CA SER B 122 13.43 1.47 8.12
C SER B 122 13.71 2.85 8.72
N GLU B 123 14.91 3.38 8.52
CA GLU B 123 15.23 4.71 9.03
C GLU B 123 14.23 5.70 8.41
N ILE B 124 13.82 5.47 7.16
CA ILE B 124 12.85 6.37 6.56
C ILE B 124 11.43 5.79 6.52
N LEU B 125 11.29 4.47 6.51
CA LEU B 125 9.97 3.85 6.45
C LEU B 125 9.18 4.08 7.74
N GLU B 126 9.90 4.27 8.84
CA GLU B 126 9.30 4.51 10.14
C GLU B 126 8.77 5.94 10.27
N LYS B 127 8.79 6.68 9.16
CA LYS B 127 8.28 8.04 9.17
C LYS B 127 6.97 8.13 8.36
N GLY B 128 5.94 8.69 8.98
CA GLY B 128 4.66 8.82 8.32
C GLY B 128 4.64 9.69 7.07
N ASP B 129 5.46 10.74 7.04
CA ASP B 129 5.49 11.60 5.84
C ASP B 129 6.04 10.85 4.63
N TYR B 130 6.78 9.76 4.90
CA TYR B 130 7.31 8.94 3.83
C TYR B 130 6.11 8.25 3.20
N TRP B 131 5.26 7.69 4.05
CA TRP B 131 4.08 6.99 3.54
C TRP B 131 3.09 7.89 2.84
N GLN B 132 3.05 9.15 3.24
CA GLN B 132 2.16 10.08 2.57
C GLN B 132 2.64 10.20 1.13
N THR B 133 3.94 10.11 0.94
CA THR B 133 4.48 10.19 -0.42
C THR B 133 4.22 8.89 -1.17
N VAL B 134 4.19 7.77 -0.46
CA VAL B 134 3.87 6.51 -1.13
C VAL B 134 2.46 6.65 -1.69
N ILE B 135 1.56 7.24 -0.92
CA ILE B 135 0.18 7.43 -1.36
C ILE B 135 0.14 8.40 -2.53
N ASP B 136 0.87 9.51 -2.39
CA ASP B 136 0.94 10.54 -3.44
C ASP B 136 1.37 9.88 -4.76
N ILE B 137 2.43 9.09 -4.71
CA ILE B 137 2.91 8.40 -5.92
C ILE B 137 1.85 7.41 -6.42
N SER B 138 1.29 6.63 -5.51
CA SER B 138 0.28 5.63 -5.88
C SER B 138 -0.97 6.20 -6.55
N LYS B 139 -1.30 7.46 -6.27
CA LYS B 139 -2.47 8.08 -6.89
C LYS B 139 -2.16 8.37 -8.35
N ASN B 140 -0.89 8.27 -8.73
CA ASN B 140 -0.46 8.55 -10.09
C ASN B 140 -0.07 7.32 -10.89
N VAL B 141 -0.26 6.15 -10.31
CA VAL B 141 0.09 4.91 -10.99
C VAL B 141 -1.12 3.98 -10.97
N THR B 142 -1.42 3.35 -12.10
CA THR B 142 -2.54 2.43 -12.15
C THR B 142 -2.15 1.10 -11.53
N LEU B 143 -3.14 0.40 -10.98
CA LEU B 143 -2.93 -0.91 -10.40
C LEU B 143 -2.29 -1.80 -11.46
N SER B 144 -2.79 -1.67 -12.69
CA SER B 144 -2.28 -2.46 -13.82
C SER B 144 -0.78 -2.25 -13.99
N ARG B 145 -0.34 -0.99 -13.94
CA ARG B 145 1.07 -0.67 -14.06
C ARG B 145 1.87 -1.30 -12.90
N VAL B 146 1.34 -1.23 -11.68
CA VAL B 146 2.02 -1.80 -10.53
C VAL B 146 2.20 -3.31 -10.69
N MET B 147 1.16 -3.99 -11.18
CA MET B 147 1.21 -5.44 -11.36
C MET B 147 2.29 -5.86 -12.34
N ARG B 148 2.48 -5.06 -13.38
CA ARG B 148 3.49 -5.35 -14.39
C ARG B 148 4.89 -5.00 -13.91
N SER B 149 4.98 -4.37 -12.75
CA SER B 149 6.27 -3.97 -12.21
C SER B 149 6.85 -4.91 -11.15
N ILE B 150 6.07 -5.89 -10.71
CA ILE B 150 6.57 -6.80 -9.67
C ILE B 150 7.75 -7.67 -10.07
N THR B 151 8.11 -7.66 -11.35
CA THR B 151 9.26 -8.46 -11.77
C THR B 151 10.55 -7.90 -11.17
N ILE B 152 10.50 -6.63 -10.72
CA ILE B 152 11.68 -6.00 -10.13
C ILE B 152 12.05 -6.74 -8.85
N MET B 153 11.10 -7.46 -8.26
CA MET B 153 11.44 -8.20 -7.05
C MET B 153 11.62 -9.68 -7.35
N GLY B 154 11.96 -9.96 -8.61
CA GLY B 154 12.18 -11.32 -9.07
C GLY B 154 10.95 -12.17 -8.91
N ARG B 155 9.79 -11.57 -9.15
CA ARG B 155 8.54 -12.27 -8.98
C ARG B 155 7.64 -12.08 -10.20
N GLN B 156 6.74 -13.04 -10.41
CA GLN B 156 5.80 -12.99 -11.51
C GLN B 156 4.39 -12.84 -10.95
N MET B 157 3.56 -12.11 -11.65
CA MET B 157 2.19 -11.89 -11.20
C MET B 157 1.49 -13.24 -11.20
N GLY B 158 1.06 -13.68 -10.02
CA GLY B 158 0.38 -14.97 -9.93
C GLY B 158 -0.90 -14.87 -9.12
N GLU B 159 -1.83 -15.78 -9.37
CA GLU B 159 -3.08 -15.78 -8.63
C GLU B 159 -2.71 -16.01 -7.16
N ALA B 160 -3.43 -15.36 -6.26
CA ALA B 160 -3.18 -15.51 -4.82
C ALA B 160 -1.92 -14.81 -4.29
N ILE B 161 -1.38 -13.85 -5.04
CA ILE B 161 -0.21 -13.13 -4.55
C ILE B 161 -0.71 -12.21 -3.43
N ASP B 162 0.03 -12.11 -2.33
CA ASP B 162 -0.41 -11.24 -1.22
C ASP B 162 -0.30 -9.78 -1.63
N PHE B 163 -1.18 -8.94 -1.09
CA PHE B 163 -1.21 -7.53 -1.46
C PHE B 163 0.06 -6.75 -1.11
N ALA B 164 0.73 -7.14 -0.03
CA ALA B 164 1.94 -6.45 0.40
C ALA B 164 2.99 -6.36 -0.70
N LYS B 165 3.07 -7.39 -1.54
CA LYS B 165 4.06 -7.38 -2.61
C LYS B 165 3.76 -6.32 -3.66
N LEU B 166 2.49 -5.93 -3.78
CA LEU B 166 2.11 -4.90 -4.74
C LEU B 166 2.50 -3.51 -4.21
N ILE B 167 2.59 -3.37 -2.90
CA ILE B 167 2.98 -2.09 -2.30
C ILE B 167 4.48 -1.85 -2.50
N TYR B 168 5.24 -2.95 -2.54
CA TYR B 168 6.70 -2.91 -2.70
C TYR B 168 7.21 -1.95 -3.80
N PRO B 169 6.75 -2.13 -5.04
CA PRO B 169 7.23 -1.23 -6.10
C PRO B 169 6.97 0.26 -5.84
N MET B 170 5.85 0.55 -5.18
CA MET B 170 5.55 1.94 -4.87
C MET B 170 6.49 2.44 -3.78
N MET B 171 6.92 1.54 -2.92
CA MET B 171 7.88 1.89 -1.88
C MET B 171 9.22 2.20 -2.57
N GLN B 172 9.58 1.38 -3.55
CA GLN B 172 10.86 1.60 -4.23
C GLN B 172 10.89 2.96 -4.92
N VAL B 173 9.76 3.37 -5.48
CA VAL B 173 9.71 4.68 -6.14
C VAL B 173 9.77 5.79 -5.07
N ALA B 174 9.01 5.60 -3.98
CA ALA B 174 9.01 6.57 -2.90
C ALA B 174 10.41 6.71 -2.28
N ASP B 175 11.15 5.61 -2.22
CA ASP B 175 12.49 5.65 -1.65
C ASP B 175 13.36 6.66 -2.39
N ILE B 176 13.14 6.76 -3.69
CA ILE B 176 13.90 7.68 -4.52
C ILE B 176 13.59 9.13 -4.18
N PHE B 177 12.32 9.49 -4.22
CA PHE B 177 11.95 10.86 -3.93
C PHE B 177 12.12 11.29 -2.47
N TYR B 178 11.82 10.42 -1.53
CA TYR B 178 11.97 10.79 -0.12
C TYR B 178 13.43 11.10 0.22
N GLN B 179 14.37 10.44 -0.44
CA GLN B 179 15.78 10.70 -0.17
C GLN B 179 16.38 11.74 -1.11
N GLY B 180 15.57 12.33 -1.97
CA GLY B 180 16.08 13.33 -2.91
C GLY B 180 17.11 12.75 -3.88
N VAL B 181 16.92 11.49 -4.27
CA VAL B 181 17.84 10.83 -5.19
C VAL B 181 17.73 11.37 -6.63
N THR B 182 18.84 11.86 -7.17
CA THR B 182 18.83 12.36 -8.55
C THR B 182 19.55 11.39 -9.49
N ILE B 183 20.29 10.45 -8.89
CA ILE B 183 21.01 9.41 -9.61
C ILE B 183 20.52 8.05 -9.10
N ALA B 184 19.46 7.54 -9.70
CA ALA B 184 18.88 6.25 -9.28
C ALA B 184 19.62 5.14 -9.99
N HIS B 185 20.43 4.42 -9.22
CA HIS B 185 21.27 3.34 -9.72
C HIS B 185 20.78 1.95 -9.35
N ALA B 186 20.79 1.05 -10.32
CA ALA B 186 20.36 -0.32 -10.07
C ALA B 186 20.79 -1.23 -11.19
N GLY B 187 20.58 -2.52 -10.99
CA GLY B 187 20.89 -3.47 -12.04
C GLY B 187 19.77 -3.31 -13.04
N MET B 188 20.01 -3.74 -14.27
CA MET B 188 19.03 -3.62 -15.35
C MET B 188 17.62 -4.16 -15.05
N ASP B 189 17.49 -5.19 -14.22
CA ASP B 189 16.17 -5.74 -13.93
C ASP B 189 15.29 -4.88 -13.01
N GLN B 190 15.78 -3.69 -12.64
CA GLN B 190 15.00 -2.81 -11.77
C GLN B 190 14.45 -1.61 -12.56
N ARG B 191 14.81 -1.53 -13.83
CA ARG B 191 14.43 -0.39 -14.67
C ARG B 191 12.96 0.05 -14.67
N LYS B 192 12.03 -0.89 -14.51
CA LYS B 192 10.61 -0.55 -14.50
C LYS B 192 10.25 0.43 -13.38
N ALA B 193 10.89 0.27 -12.22
CA ALA B 193 10.63 1.17 -11.10
C ALA B 193 11.14 2.57 -11.44
N HIS B 194 12.27 2.64 -12.13
CA HIS B 194 12.84 3.92 -12.49
C HIS B 194 12.05 4.60 -13.62
N VAL B 195 11.45 3.80 -14.49
CA VAL B 195 10.64 4.40 -15.55
C VAL B 195 9.43 5.08 -14.90
N ILE B 196 8.85 4.44 -13.89
CA ILE B 196 7.71 5.00 -13.18
C ILE B 196 8.16 6.25 -12.44
N ALA B 197 9.30 6.17 -11.77
CA ALA B 197 9.83 7.31 -11.04
C ALA B 197 9.97 8.53 -11.95
N ILE B 198 10.52 8.31 -13.14
CA ILE B 198 10.73 9.41 -14.07
C ILE B 198 9.39 9.97 -14.56
N GLU B 199 8.39 9.12 -14.78
CA GLU B 199 7.13 9.67 -15.23
C GLU B 199 6.24 10.34 -14.20
N VAL B 200 6.41 10.04 -12.91
CA VAL B 200 5.58 10.69 -11.90
C VAL B 200 6.34 11.82 -11.20
N ALA B 201 7.64 11.90 -11.46
CA ALA B 201 8.48 12.90 -10.84
C ALA B 201 7.91 14.30 -10.70
N GLN B 202 7.49 14.88 -11.81
CA GLN B 202 6.98 16.24 -11.81
C GLN B 202 5.54 16.40 -11.31
N LYS B 203 4.91 15.28 -10.94
CA LYS B 203 3.55 15.31 -10.45
C LYS B 203 3.49 15.26 -8.93
N LEU B 204 4.60 14.91 -8.29
CA LEU B 204 4.61 14.78 -6.85
C LEU B 204 4.43 16.09 -6.07
N ARG B 205 3.62 16.00 -5.02
CA ARG B 205 3.32 17.13 -4.18
C ARG B 205 4.22 17.26 -2.95
N TYR B 206 4.49 16.15 -2.27
CA TYR B 206 5.28 16.23 -1.05
C TYR B 206 6.78 16.07 -1.19
N HIS B 207 7.23 15.18 -2.05
CA HIS B 207 8.66 15.00 -2.20
C HIS B 207 9.21 15.11 -3.61
N PRO B 208 8.80 16.14 -4.34
CA PRO B 208 9.35 16.25 -5.69
C PRO B 208 10.80 16.67 -5.50
N ILE B 209 11.58 16.63 -6.57
CA ILE B 209 12.96 17.06 -6.46
C ILE B 209 12.96 18.46 -7.06
N VAL B 210 13.15 19.47 -6.21
CA VAL B 210 13.14 20.85 -6.66
C VAL B 210 14.50 21.54 -6.65
N HIS B 211 14.83 22.15 -7.78
CA HIS B 211 16.08 22.87 -7.91
C HIS B 211 15.81 24.17 -8.66
N GLU B 212 16.12 25.29 -8.01
CA GLU B 212 15.92 26.60 -8.63
C GLU B 212 14.54 26.73 -9.23
N GLY B 213 13.53 26.37 -8.45
CA GLY B 213 12.15 26.48 -8.90
C GLY B 213 11.63 25.40 -9.83
N GLU B 214 12.48 24.48 -10.28
CA GLU B 214 12.02 23.46 -11.19
C GLU B 214 12.01 22.06 -10.59
N LYS B 215 10.97 21.30 -10.95
CA LYS B 215 10.85 19.92 -10.49
C LYS B 215 11.66 19.05 -11.43
N LEU B 216 12.66 18.37 -10.87
CA LEU B 216 13.54 17.52 -11.66
C LEU B 216 13.07 16.07 -11.78
N LYS B 217 13.63 15.38 -12.77
CA LYS B 217 13.36 13.98 -12.98
C LYS B 217 14.69 13.33 -12.63
N PRO B 218 14.67 12.28 -11.81
CA PRO B 218 15.93 11.62 -11.44
C PRO B 218 16.51 10.93 -12.67
N VAL B 219 17.82 10.81 -12.69
CA VAL B 219 18.49 10.14 -13.79
C VAL B 219 18.67 8.68 -13.39
N ALA B 220 18.23 7.76 -14.24
CA ALA B 220 18.36 6.33 -13.95
C ALA B 220 19.63 5.77 -14.60
N VAL B 221 20.41 5.02 -13.82
CA VAL B 221 21.63 4.39 -14.32
C VAL B 221 21.57 2.90 -13.98
N HIS B 222 21.50 2.08 -15.02
CA HIS B 222 21.39 0.64 -14.87
C HIS B 222 22.64 -0.08 -15.31
N HIS B 223 23.14 -0.98 -14.45
CA HIS B 223 24.33 -1.72 -14.81
C HIS B 223 23.98 -3.13 -15.28
N HIS B 224 24.93 -3.71 -16.00
CA HIS B 224 24.82 -5.05 -16.57
C HIS B 224 24.67 -6.14 -15.51
N LEU B 225 23.83 -7.13 -15.80
CA LEU B 225 23.61 -8.26 -14.89
C LEU B 225 24.55 -9.40 -15.27
N LEU B 226 25.46 -9.76 -14.38
CA LEU B 226 26.39 -10.85 -14.66
C LEU B 226 25.63 -12.18 -14.72
N LEU B 227 25.99 -13.03 -15.66
CA LEU B 227 25.34 -14.32 -15.82
C LEU B 227 25.82 -15.32 -14.79
N GLY B 228 24.95 -16.24 -14.39
CA GLY B 228 25.34 -17.29 -13.48
C GLY B 228 26.21 -18.21 -14.32
N LEU B 229 26.89 -19.17 -13.71
CA LEU B 229 27.80 -20.06 -14.45
C LEU B 229 27.19 -21.34 -15.02
N GLN B 230 25.95 -21.65 -14.67
CA GLN B 230 25.30 -22.87 -15.14
C GLN B 230 25.02 -22.94 -16.63
N GLU B 231 24.92 -24.15 -17.13
CA GLU B 231 24.63 -24.33 -18.55
C GLU B 231 23.19 -23.85 -18.73
N PRO B 232 22.87 -23.30 -19.90
CA PRO B 232 21.49 -22.83 -20.10
C PRO B 232 20.49 -24.00 -20.20
N PRO B 233 19.19 -23.71 -20.02
CA PRO B 233 18.18 -24.77 -20.08
C PRO B 233 17.94 -25.35 -21.48
N LYS B 234 18.45 -24.66 -22.50
CA LYS B 234 18.28 -25.11 -23.87
C LYS B 234 19.51 -24.79 -24.72
N TRP B 235 19.77 -25.65 -25.70
CA TRP B 235 20.90 -25.46 -26.57
C TRP B 235 20.66 -26.25 -27.86
N PRO B 236 20.89 -25.62 -29.02
CA PRO B 236 21.36 -24.23 -29.12
C PRO B 236 20.25 -23.20 -28.93
N ILE B 237 20.62 -21.97 -28.59
CA ILE B 237 19.64 -20.91 -28.40
C ILE B 237 19.25 -20.54 -29.81
N GLU B 238 17.94 -20.54 -30.10
CA GLU B 238 17.47 -20.31 -31.47
C GLU B 238 16.92 -18.98 -31.96
N SER B 239 16.91 -17.94 -31.12
CA SER B 239 16.42 -16.64 -31.57
C SER B 239 16.91 -15.55 -30.64
N GLU B 240 16.87 -14.31 -31.12
CA GLU B 240 17.31 -13.18 -30.31
C GLU B 240 16.44 -13.09 -29.06
N GLU B 241 15.16 -13.36 -29.24
CA GLU B 241 14.22 -13.31 -28.13
C GLU B 241 14.50 -14.43 -27.12
N GLU B 242 14.87 -15.61 -27.61
CA GLU B 242 15.18 -16.73 -26.73
C GLU B 242 16.40 -16.34 -25.91
N PHE B 243 17.36 -15.79 -26.64
CA PHE B 243 18.63 -15.34 -26.12
C PHE B 243 18.40 -14.40 -24.92
N LYS B 244 17.61 -13.37 -25.14
CA LYS B 244 17.30 -12.40 -24.09
C LYS B 244 16.52 -13.02 -22.94
N GLU B 245 15.58 -13.90 -23.26
CA GLU B 245 14.78 -14.57 -22.24
C GLU B 245 15.64 -15.51 -21.38
N ILE B 246 16.57 -16.20 -22.03
CA ILE B 246 17.44 -17.13 -21.32
C ILE B 246 18.42 -16.36 -20.44
N LYS B 247 19.00 -15.29 -20.97
CA LYS B 247 19.91 -14.48 -20.17
C LYS B 247 19.18 -13.98 -18.92
N ALA B 248 17.91 -13.62 -19.09
CA ALA B 248 17.11 -13.14 -17.97
C ALA B 248 16.96 -14.22 -16.91
N GLN B 249 16.72 -15.46 -17.35
CA GLN B 249 16.56 -16.58 -16.42
C GLN B 249 17.90 -17.02 -15.81
N MET B 250 18.96 -16.87 -16.60
CA MET B 250 20.29 -17.29 -16.16
C MET B 250 21.11 -16.30 -15.32
N LYS B 251 20.59 -15.09 -15.10
CA LYS B 251 21.32 -14.12 -14.31
C LYS B 251 21.70 -14.75 -12.97
N MET B 252 22.91 -14.43 -12.50
CA MET B 252 23.43 -15.00 -11.26
C MET B 252 22.54 -14.88 -10.02
N SER B 253 21.69 -13.87 -9.95
CA SER B 253 20.80 -13.74 -8.78
C SER B 253 19.78 -14.87 -8.71
N LYS B 254 19.59 -15.58 -9.81
CA LYS B 254 18.63 -16.70 -9.84
C LYS B 254 19.36 -18.04 -9.84
N SER B 255 20.69 -18.02 -9.81
CA SER B 255 21.47 -19.25 -9.84
C SER B 255 21.59 -19.92 -8.48
N LYS B 256 21.89 -21.22 -8.53
CA LYS B 256 22.09 -22.02 -7.31
C LYS B 256 23.48 -21.60 -6.85
N PRO B 257 23.76 -21.70 -5.53
CA PRO B 257 25.08 -21.31 -5.05
C PRO B 257 26.25 -21.98 -5.77
N TYR B 258 26.04 -23.21 -6.22
CA TYR B 258 27.10 -23.94 -6.93
C TYR B 258 27.47 -23.26 -8.28
N SER B 259 26.56 -22.45 -8.81
CA SER B 259 26.78 -21.75 -10.09
C SER B 259 26.95 -20.24 -9.92
N ALA B 260 27.15 -19.80 -8.68
CA ALA B 260 27.33 -18.40 -8.38
C ALA B 260 28.57 -18.24 -7.51
N VAL B 261 29.42 -17.26 -7.82
CA VAL B 261 30.61 -17.03 -7.00
C VAL B 261 30.31 -15.89 -6.03
N PHE B 262 30.65 -16.11 -4.77
CA PHE B 262 30.42 -15.11 -3.74
C PHE B 262 31.73 -14.38 -3.44
N ILE B 263 31.62 -13.11 -3.04
CA ILE B 263 32.80 -12.28 -2.77
C ILE B 263 33.81 -12.89 -1.81
N HIS B 264 33.34 -13.73 -0.90
CA HIS B 264 34.24 -14.37 0.06
C HIS B 264 34.43 -15.86 -0.18
N ASP B 265 34.15 -16.34 -1.38
CA ASP B 265 34.34 -17.77 -1.65
C ASP B 265 35.84 -18.08 -1.51
N SER B 266 36.17 -19.31 -1.11
CA SER B 266 37.58 -19.71 -0.97
C SER B 266 38.22 -19.89 -2.34
N PRO B 267 39.56 -19.85 -2.39
CA PRO B 267 40.24 -20.03 -3.68
C PRO B 267 39.80 -21.36 -4.31
N GLU B 268 39.68 -22.38 -3.48
CA GLU B 268 39.28 -23.71 -3.94
C GLU B 268 37.84 -23.71 -4.47
N GLU B 269 36.96 -22.98 -3.79
CA GLU B 269 35.59 -22.89 -4.24
C GLU B 269 35.53 -22.17 -5.58
N ILE B 270 36.34 -21.12 -5.71
CA ILE B 270 36.39 -20.36 -6.95
C ILE B 270 36.90 -21.21 -8.11
N ARG B 271 38.00 -21.93 -7.89
CA ARG B 271 38.54 -22.80 -8.93
C ARG B 271 37.51 -23.86 -9.34
N GLN B 272 36.84 -24.46 -8.36
CA GLN B 272 35.83 -25.48 -8.62
C GLN B 272 34.66 -24.95 -9.44
N LYS B 273 34.15 -23.78 -9.04
CA LYS B 273 33.02 -23.20 -9.75
C LYS B 273 33.39 -22.82 -11.18
N LEU B 274 34.56 -22.22 -11.37
CA LEU B 274 34.98 -21.87 -12.73
C LEU B 274 35.23 -23.18 -13.49
N ARG B 275 35.73 -24.18 -12.80
CA ARG B 275 36.00 -25.46 -13.45
C ARG B 275 34.74 -26.01 -14.11
N LYS B 276 33.60 -25.98 -13.40
CA LYS B 276 32.38 -26.52 -13.97
C LYS B 276 31.49 -25.53 -14.71
N ALA B 277 31.96 -24.29 -14.85
CA ALA B 277 31.21 -23.25 -15.55
C ALA B 277 30.96 -23.62 -17.01
N PHE B 278 29.84 -23.13 -17.55
CA PHE B 278 29.49 -23.36 -18.95
C PHE B 278 30.41 -22.45 -19.78
N CYS B 279 31.24 -23.07 -20.62
CA CYS B 279 32.18 -22.32 -21.44
C CYS B 279 32.63 -23.19 -22.62
N PRO B 280 31.71 -23.50 -23.55
CA PRO B 280 32.12 -24.33 -24.67
C PRO B 280 33.16 -23.69 -25.60
N ALA B 281 34.18 -24.47 -25.95
CA ALA B 281 35.24 -24.02 -26.83
C ALA B 281 34.68 -23.23 -28.01
N ARG B 282 35.29 -22.08 -28.27
CA ARG B 282 34.90 -21.21 -29.39
C ARG B 282 33.51 -20.56 -29.31
N GLU B 283 32.71 -20.90 -28.29
CA GLU B 283 31.38 -20.31 -28.16
C GLU B 283 31.47 -18.88 -27.59
N VAL B 284 30.97 -17.88 -28.32
CA VAL B 284 31.03 -16.50 -27.82
C VAL B 284 29.69 -15.75 -27.78
N ARG B 285 28.60 -16.39 -28.21
CA ARG B 285 27.28 -15.76 -28.19
C ARG B 285 26.72 -15.89 -26.77
N TYR B 286 26.75 -17.10 -26.22
CA TYR B 286 26.30 -17.31 -24.85
C TYR B 286 27.43 -18.01 -24.11
N ASN B 287 28.12 -17.24 -23.27
CA ASN B 287 29.24 -17.77 -22.51
C ASN B 287 29.44 -17.00 -21.21
N PRO B 288 28.99 -17.58 -20.08
CA PRO B 288 29.10 -16.95 -18.76
C PRO B 288 30.50 -16.51 -18.39
N VAL B 289 31.49 -17.34 -18.70
CA VAL B 289 32.87 -17.01 -18.38
C VAL B 289 33.32 -15.73 -19.13
N LEU B 290 33.04 -15.67 -20.43
CA LEU B 290 33.40 -14.49 -21.23
C LEU B 290 32.67 -13.25 -20.72
N ASP B 291 31.44 -13.46 -20.25
CA ASP B 291 30.61 -12.38 -19.68
C ASP B 291 31.38 -11.78 -18.49
N TRP B 292 31.93 -12.63 -17.63
CA TRP B 292 32.69 -12.15 -16.48
C TRP B 292 34.01 -11.50 -16.89
N VAL B 293 34.66 -12.06 -17.90
CA VAL B 293 35.90 -11.50 -18.40
C VAL B 293 35.63 -10.09 -18.95
N GLU B 294 34.57 -9.97 -19.74
CA GLU B 294 34.27 -8.68 -20.31
C GLU B 294 33.93 -7.60 -19.28
N TYR B 295 33.03 -7.92 -18.35
CA TYR B 295 32.58 -6.94 -17.36
C TYR B 295 33.37 -6.77 -16.08
N ILE B 296 34.22 -7.74 -15.74
CA ILE B 296 35.02 -7.63 -14.54
C ILE B 296 36.47 -7.38 -14.91
N ILE B 297 37.06 -8.33 -15.61
CA ILE B 297 38.47 -8.21 -15.99
C ILE B 297 38.77 -7.03 -16.92
N PHE B 298 37.90 -6.79 -17.90
CA PHE B 298 38.13 -5.68 -18.81
C PHE B 298 37.23 -4.49 -18.52
N ARG B 299 36.90 -4.29 -17.25
CA ARG B 299 36.06 -3.18 -16.84
C ARG B 299 36.66 -1.89 -17.42
N GLU B 300 37.97 -1.76 -17.29
CA GLU B 300 38.68 -0.61 -17.84
C GLU B 300 39.67 -1.23 -18.83
N GLU B 301 39.30 -1.21 -20.11
CA GLU B 301 40.10 -1.80 -21.17
C GLU B 301 41.51 -1.29 -21.40
N PRO B 302 41.86 -0.12 -20.84
CA PRO B 302 43.25 0.23 -21.10
C PRO B 302 43.98 -0.66 -20.08
N THR B 303 43.90 -1.98 -20.27
CA THR B 303 44.47 -2.94 -19.32
C THR B 303 45.26 -4.10 -19.93
N GLU B 304 45.82 -4.92 -19.05
CA GLU B 304 46.60 -6.10 -19.44
C GLU B 304 46.10 -7.33 -18.69
N PHE B 305 45.87 -8.42 -19.41
CA PHE B 305 45.41 -9.68 -18.82
C PHE B 305 46.17 -10.81 -19.52
N THR B 306 47.01 -11.48 -18.76
CA THR B 306 47.84 -12.55 -19.30
C THR B 306 47.35 -13.96 -18.92
N VAL B 307 47.35 -14.85 -19.90
CA VAL B 307 47.00 -16.24 -19.67
C VAL B 307 48.34 -16.95 -19.86
N HIS B 308 48.83 -17.59 -18.80
CA HIS B 308 50.12 -18.27 -18.88
C HIS B 308 49.97 -19.71 -19.37
N ARG B 309 50.76 -20.08 -20.38
CA ARG B 309 50.69 -21.42 -20.94
C ARG B 309 52.03 -21.93 -21.42
N PRO B 310 52.20 -23.26 -21.47
CA PRO B 310 53.46 -23.83 -21.93
C PRO B 310 53.45 -23.55 -23.44
N ALA B 311 54.62 -23.53 -24.06
CA ALA B 311 54.71 -23.28 -25.49
C ALA B 311 53.83 -24.26 -26.29
N LYS B 312 53.75 -25.51 -25.82
CA LYS B 312 52.95 -26.51 -26.53
C LYS B 312 51.48 -26.14 -26.63
N PHE B 313 51.00 -25.32 -25.70
CA PHE B 313 49.59 -24.91 -25.72
C PHE B 313 49.41 -23.47 -26.23
N GLY B 314 50.46 -22.94 -26.84
CA GLY B 314 50.40 -21.59 -27.38
C GLY B 314 51.31 -20.57 -26.72
N GLY B 315 51.81 -20.90 -25.53
CA GLY B 315 52.68 -19.96 -24.82
C GLY B 315 51.87 -18.84 -24.17
N ASP B 316 52.52 -18.05 -23.32
CA ASP B 316 51.85 -16.95 -22.64
C ASP B 316 51.30 -15.96 -23.64
N VAL B 317 50.16 -15.40 -23.32
CA VAL B 317 49.53 -14.42 -24.19
C VAL B 317 48.90 -13.35 -23.31
N THR B 318 49.18 -12.09 -23.63
CA THR B 318 48.63 -10.98 -22.87
C THR B 318 47.63 -10.24 -23.73
N TYR B 319 46.42 -10.09 -23.21
CA TYR B 319 45.38 -9.40 -23.94
C TYR B 319 45.23 -8.00 -23.36
N THR B 320 44.91 -7.03 -24.20
CA THR B 320 44.75 -5.67 -23.72
C THR B 320 43.31 -5.20 -23.81
N THR B 321 42.53 -5.86 -24.67
CA THR B 321 41.12 -5.53 -24.80
C THR B 321 40.32 -6.82 -24.82
N PHE B 322 39.08 -6.74 -24.37
CA PHE B 322 38.20 -7.90 -24.36
C PHE B 322 38.04 -8.44 -25.77
N GLU B 323 37.91 -7.54 -26.73
CA GLU B 323 37.74 -7.95 -28.12
C GLU B 323 38.85 -8.86 -28.60
N GLU B 324 40.09 -8.58 -28.20
CA GLU B 324 41.22 -9.42 -28.58
C GLU B 324 41.06 -10.85 -28.04
N LEU B 325 40.71 -10.95 -26.77
CA LEU B 325 40.56 -12.24 -26.11
C LEU B 325 39.39 -12.99 -26.72
N LYS B 326 38.31 -12.28 -26.96
CA LYS B 326 37.11 -12.87 -27.52
C LYS B 326 37.37 -13.51 -28.89
N ARG B 327 38.08 -12.82 -29.76
CA ARG B 327 38.38 -13.34 -31.09
C ARG B 327 39.28 -14.57 -30.93
N ASP B 328 40.29 -14.45 -30.08
CA ASP B 328 41.20 -15.55 -29.84
C ASP B 328 40.42 -16.78 -29.38
N PHE B 329 39.41 -16.56 -28.53
CA PHE B 329 38.61 -17.66 -28.03
C PHE B 329 37.75 -18.24 -29.14
N ALA B 330 37.12 -17.35 -29.92
CA ALA B 330 36.26 -17.77 -31.02
C ALA B 330 37.00 -18.53 -32.11
N GLU B 331 38.29 -18.23 -32.27
CA GLU B 331 39.12 -18.87 -33.28
C GLU B 331 39.77 -20.15 -32.76
N GLY B 332 39.53 -20.47 -31.49
CA GLY B 332 40.12 -21.66 -30.94
C GLY B 332 41.58 -21.47 -30.55
N LYS B 333 42.03 -20.22 -30.46
CA LYS B 333 43.41 -19.95 -30.06
C LYS B 333 43.55 -20.02 -28.54
N LEU B 334 42.45 -19.75 -27.85
CA LEU B 334 42.44 -19.77 -26.39
C LEU B 334 41.44 -20.82 -25.92
N HIS B 335 41.93 -21.84 -25.23
CA HIS B 335 41.08 -22.93 -24.77
C HIS B 335 40.43 -22.64 -23.41
N PRO B 336 39.19 -23.13 -23.23
CA PRO B 336 38.40 -22.97 -22.01
C PRO B 336 39.23 -23.29 -20.76
N LEU B 337 40.00 -24.37 -20.85
CA LEU B 337 40.84 -24.84 -19.75
C LEU B 337 41.75 -23.72 -19.25
N ASP B 338 42.39 -23.03 -20.18
CA ASP B 338 43.30 -21.95 -19.80
C ASP B 338 42.55 -20.69 -19.42
N LEU B 339 41.47 -20.39 -20.12
CA LEU B 339 40.68 -19.20 -19.78
C LEU B 339 40.10 -19.35 -18.37
N LYS B 340 39.49 -20.50 -18.10
CA LYS B 340 38.91 -20.75 -16.77
C LYS B 340 39.93 -20.57 -15.65
N ASN B 341 41.11 -21.14 -15.81
CA ASN B 341 42.14 -21.03 -14.77
C ASN B 341 42.60 -19.58 -14.56
N ALA B 342 42.73 -18.82 -15.65
CA ALA B 342 43.18 -17.43 -15.55
C ALA B 342 42.08 -16.59 -14.85
N VAL B 343 40.83 -16.82 -15.20
CA VAL B 343 39.74 -16.08 -14.58
C VAL B 343 39.71 -16.41 -13.09
N ALA B 344 39.83 -17.69 -12.76
CA ALA B 344 39.82 -18.09 -11.36
C ALA B 344 40.91 -17.37 -10.58
N GLU B 345 42.15 -17.42 -11.07
CA GLU B 345 43.26 -16.77 -10.38
C GLU B 345 43.05 -15.26 -10.27
N TYR B 346 42.53 -14.64 -11.33
CA TYR B 346 42.28 -13.20 -11.30
C TYR B 346 41.30 -12.86 -10.16
N LEU B 347 40.23 -13.65 -10.07
CA LEU B 347 39.19 -13.45 -9.07
C LEU B 347 39.77 -13.71 -7.67
N ILE B 348 40.52 -14.80 -7.54
CA ILE B 348 41.13 -15.14 -6.27
C ILE B 348 41.95 -13.96 -5.76
N ASN B 349 42.71 -13.33 -6.65
CA ASN B 349 43.52 -12.19 -6.26
C ASN B 349 42.71 -10.90 -6.00
N LEU B 350 41.70 -10.64 -6.83
CA LEU B 350 40.88 -9.43 -6.66
C LEU B 350 40.11 -9.46 -5.36
N LEU B 351 39.55 -10.63 -5.05
CA LEU B 351 38.73 -10.79 -3.86
C LEU B 351 39.48 -11.08 -2.57
N GLU B 352 40.81 -11.18 -2.64
CA GLU B 352 41.61 -11.51 -1.47
C GLU B 352 41.33 -10.67 -0.22
N PRO B 353 41.22 -9.34 -0.36
CA PRO B 353 40.94 -8.54 0.84
C PRO B 353 39.58 -8.86 1.47
N ILE B 354 38.64 -9.35 0.66
CA ILE B 354 37.32 -9.67 1.19
C ILE B 354 37.34 -10.96 2.00
N ARG B 355 38.02 -11.99 1.47
CA ARG B 355 38.14 -13.27 2.17
C ARG B 355 38.86 -13.03 3.49
N ARG B 356 39.95 -12.27 3.42
CA ARG B 356 40.77 -11.95 4.59
C ARG B 356 39.95 -11.28 5.69
N TYR B 357 39.14 -10.30 5.31
CA TYR B 357 38.31 -9.61 6.29
C TYR B 357 37.33 -10.57 6.98
N PHE B 358 36.65 -11.40 6.22
CA PHE B 358 35.68 -12.32 6.81
C PHE B 358 36.32 -13.49 7.56
N GLU B 359 37.65 -13.61 7.48
CA GLU B 359 38.38 -14.65 8.20
C GLU B 359 38.84 -14.03 9.52
N LYS B 360 39.25 -12.77 9.44
CA LYS B 360 39.71 -12.01 10.60
C LYS B 360 38.54 -11.68 11.53
N HIS B 361 37.38 -11.40 10.95
CA HIS B 361 36.17 -11.08 11.70
C HIS B 361 35.15 -12.13 11.28
N PRO B 362 35.12 -13.26 12.00
CA PRO B 362 34.24 -14.41 11.76
C PRO B 362 32.76 -14.29 12.12
N GLU B 363 32.39 -13.25 12.86
CA GLU B 363 30.98 -13.13 13.28
C GLU B 363 29.98 -13.08 12.12
N PRO B 364 30.24 -12.23 11.12
CA PRO B 364 29.31 -12.13 9.98
C PRO B 364 28.97 -13.45 9.31
N LEU B 365 29.97 -14.25 8.99
CA LEU B 365 29.73 -15.54 8.34
C LEU B 365 29.11 -16.56 9.29
N GLU B 366 29.40 -16.43 10.58
CA GLU B 366 28.82 -17.32 11.58
C GLU B 366 27.32 -17.02 11.56
N LEU B 367 26.98 -15.74 11.50
CA LEU B 367 25.59 -15.31 11.46
C LEU B 367 24.88 -15.92 10.24
N MET B 368 25.49 -15.78 9.07
CA MET B 368 24.91 -16.31 7.84
C MET B 368 24.71 -17.82 7.89
N ARG B 369 25.63 -18.54 8.52
CA ARG B 369 25.48 -19.99 8.60
C ARG B 369 24.33 -20.37 9.54
N SER B 370 24.07 -19.52 10.53
CA SER B 370 23.00 -19.79 11.47
C SER B 370 21.63 -19.48 10.89
N VAL B 371 21.60 -18.78 9.76
CA VAL B 371 20.36 -18.40 9.09
C VAL B 371 19.93 -19.37 7.99
N TYR C . -14.85 3.42 4.13
CA TYR C . -15.71 4.26 5.01
C TYR C . -16.82 4.93 4.21
O TYR C . -16.77 4.85 2.96
CB TYR C . -14.85 5.32 5.72
CG TYR C . -13.82 4.74 6.67
CD1 TYR C . -14.21 3.97 7.77
CD2 TYR C . -12.45 4.96 6.47
CE1 TYR C . -13.26 3.43 8.64
CE2 TYR C . -11.50 4.43 7.33
CZ TYR C . -11.91 3.66 8.41
OH TYR C . -10.95 3.13 9.26
OXT TYR C . -17.72 5.54 4.83
N TYR D . 14.16 -4.18 -5.82
CA TYR D . 15.61 -4.28 -5.50
C TYR D . 16.11 -5.70 -5.73
O TYR D . 15.26 -6.61 -5.77
CB TYR D . 15.85 -3.87 -4.05
CG TYR D . 15.45 -2.44 -3.76
CD1 TYR D . 16.00 -1.38 -4.47
CD2 TYR D . 14.50 -2.15 -2.77
CE1 TYR D . 15.64 -0.07 -4.20
CE2 TYR D . 14.13 -0.85 -2.49
CZ TYR D . 14.71 0.19 -3.21
OH TYR D . 14.36 1.48 -2.92
OXT TYR D . 17.34 -5.88 -5.84
#